data_1OU0
#
_entry.id   1OU0
#
_cell.length_a   72.450
_cell.length_b   86.820
_cell.length_c   120.900
_cell.angle_alpha   90.00
_cell.angle_beta   90.00
_cell.angle_gamma   90.00
#
_symmetry.space_group_name_H-M   'P 21 21 21'
#
loop_
_entity.id
_entity.type
_entity.pdbx_description
1 polymer 'precorrin-8X methylmutase related protein'
2 water water
#
_entity_poly.entity_id   1
_entity_poly.type   'polypeptide(L)'
_entity_poly.pdbx_seq_one_letter_code
;(MSE)AAAGEEYSSDKIEERSLAAIDS(MSE)IDPDISGP(MSE)RHIVVKAIHAAGDFAIAPLIRYSDGFFKS(MSE)L
AKLKEGCTIICDSE(MSE)VRAGIYSRPVLERNRVVCYLNDVRSKE(MSE)ADVNGITRSAAGIRIA(MSE)QDHRNSVI
VIGNAPTALLEA(MSE)R(MSE)IEENGWYDIPIVGIPVGFINASKAKEGLVSSHIEYISVEGHRGGSPIAASIVNGFGR
FLA
;
_entity_poly.pdbx_strand_id   A,B,C,D
#
# COMPACT_ATOMS: atom_id res chain seq x y z
N SER A 17 -1.19 -9.29 -17.64
CA SER A 17 -1.33 -9.44 -16.15
C SER A 17 -0.28 -10.40 -15.60
N LEU A 18 -0.42 -11.68 -15.89
CA LEU A 18 0.53 -12.68 -15.41
C LEU A 18 1.92 -12.38 -15.93
N ALA A 19 1.99 -11.60 -17.00
CA ALA A 19 3.26 -11.21 -17.58
C ALA A 19 3.90 -10.13 -16.73
N ALA A 20 3.07 -9.24 -16.19
CA ALA A 20 3.53 -8.15 -15.36
C ALA A 20 3.98 -8.65 -13.98
N ILE A 21 3.27 -9.63 -13.45
CA ILE A 21 3.61 -10.19 -12.14
C ILE A 21 5.01 -10.81 -12.17
N ASP A 22 5.22 -11.71 -13.11
CA ASP A 22 6.50 -12.40 -13.23
C ASP A 22 7.69 -11.47 -13.46
N SER A 23 7.43 -10.26 -13.95
CA SER A 23 8.50 -9.30 -14.21
C SER A 23 8.79 -8.51 -12.93
N ILE A 25 8.90 -9.88 -10.06
CA ILE A 25 9.66 -10.78 -9.21
C ILE A 25 11.13 -10.82 -9.59
N ASP A 26 11.99 -10.61 -8.60
CA ASP A 26 13.43 -10.62 -8.81
C ASP A 26 13.83 -11.84 -9.62
N PRO A 27 14.53 -11.62 -10.75
CA PRO A 27 14.98 -12.71 -11.62
C PRO A 27 15.75 -13.80 -10.90
N ASP A 28 16.32 -13.47 -9.74
CA ASP A 28 17.08 -14.43 -8.96
C ASP A 28 16.23 -15.51 -8.30
N ILE A 29 14.93 -15.24 -8.14
CA ILE A 29 14.03 -16.22 -7.55
C ILE A 29 13.70 -17.24 -8.63
N SER A 30 14.47 -18.33 -8.66
CA SER A 30 14.27 -19.37 -9.65
C SER A 30 13.84 -20.68 -8.99
N GLY A 31 13.41 -21.63 -9.81
CA GLY A 31 12.97 -22.91 -9.29
C GLY A 31 11.47 -22.91 -9.04
N PRO A 32 10.95 -23.95 -8.37
CA PRO A 32 9.54 -24.10 -8.05
C PRO A 32 8.96 -22.91 -7.27
N ARG A 34 9.38 -19.86 -7.59
CA ARG A 34 8.97 -18.72 -8.40
C ARG A 34 7.50 -18.87 -8.74
N HIS A 35 7.05 -20.12 -8.86
CA HIS A 35 5.65 -20.40 -9.16
C HIS A 35 4.80 -20.07 -7.94
N ILE A 36 5.30 -20.45 -6.78
CA ILE A 36 4.59 -20.18 -5.53
C ILE A 36 4.42 -18.68 -5.36
N VAL A 37 5.51 -17.94 -5.56
CA VAL A 37 5.49 -16.49 -5.41
C VAL A 37 4.50 -15.81 -6.35
N VAL A 38 4.42 -16.26 -7.60
CA VAL A 38 3.47 -15.64 -8.53
C VAL A 38 2.02 -15.91 -8.10
N LYS A 39 1.77 -17.09 -7.54
CA LYS A 39 0.41 -17.40 -7.09
C LYS A 39 0.03 -16.52 -5.91
N ALA A 40 0.97 -16.30 -5.00
CA ALA A 40 0.74 -15.47 -3.83
C ALA A 40 0.41 -14.05 -4.30
N ILE A 41 1.25 -13.51 -5.15
CA ILE A 41 1.07 -12.17 -5.70
C ILE A 41 -0.27 -12.08 -6.41
N HIS A 42 -0.58 -13.07 -7.24
CA HIS A 42 -1.84 -13.07 -7.97
C HIS A 42 -3.06 -13.11 -7.04
N ALA A 43 -2.98 -13.91 -5.99
CA ALA A 43 -4.08 -14.05 -5.04
C ALA A 43 -4.25 -12.77 -4.23
N ALA A 44 -3.14 -12.09 -3.96
CA ALA A 44 -3.16 -10.85 -3.21
C ALA A 44 -3.61 -9.69 -4.08
N GLY A 45 -3.61 -9.89 -5.39
CA GLY A 45 -4.01 -8.83 -6.30
C GLY A 45 -3.23 -7.54 -6.07
N ASP A 46 -1.98 -7.66 -5.65
CA ASP A 46 -1.16 -6.49 -5.40
C ASP A 46 0.33 -6.78 -5.58
N PHE A 47 0.96 -6.03 -6.48
CA PHE A 47 2.38 -6.20 -6.77
C PHE A 47 3.29 -5.74 -5.63
N ALA A 48 2.72 -4.97 -4.69
CA ALA A 48 3.49 -4.45 -3.58
C ALA A 48 4.08 -5.51 -2.66
N ILE A 49 3.39 -6.62 -2.48
CA ILE A 49 3.90 -7.67 -1.60
C ILE A 49 5.00 -8.51 -2.25
N ALA A 50 5.21 -8.31 -3.54
CA ALA A 50 6.23 -9.06 -4.28
C ALA A 50 7.60 -9.00 -3.61
N PRO A 51 8.15 -7.80 -3.35
CA PRO A 51 9.46 -7.78 -2.72
C PRO A 51 9.39 -8.00 -1.20
N LEU A 52 8.18 -8.15 -0.67
CA LEU A 52 8.01 -8.36 0.76
C LEU A 52 7.85 -9.84 1.13
N ILE A 53 7.75 -10.71 0.13
CA ILE A 53 7.61 -12.14 0.36
C ILE A 53 8.95 -12.71 0.81
N ARG A 54 8.94 -13.48 1.89
CA ARG A 54 10.18 -14.08 2.38
C ARG A 54 10.02 -15.52 2.79
N TYR A 55 11.07 -16.30 2.60
CA TYR A 55 11.04 -17.72 2.96
C TYR A 55 12.44 -18.26 3.23
N SER A 56 12.51 -19.32 4.02
CA SER A 56 13.78 -19.93 4.39
C SER A 56 14.29 -20.82 3.26
N ASP A 57 15.59 -21.02 3.21
CA ASP A 57 16.19 -21.85 2.16
C ASP A 57 15.61 -23.26 2.17
N GLY A 58 15.25 -23.75 3.34
CA GLY A 58 14.70 -25.09 3.41
C GLY A 58 13.20 -25.21 3.34
N PHE A 59 12.50 -24.12 3.08
CA PHE A 59 11.03 -24.15 3.04
C PHE A 59 10.43 -25.05 1.96
N PHE A 60 10.86 -24.88 0.72
CA PHE A 60 10.29 -25.70 -0.35
C PHE A 60 10.46 -27.19 -0.04
N LYS A 61 11.68 -27.59 0.29
CA LYS A 61 11.97 -28.98 0.59
C LYS A 61 11.13 -29.46 1.79
N SER A 62 11.12 -28.69 2.86
CA SER A 62 10.34 -29.06 4.04
C SER A 62 8.86 -29.23 3.72
N LEU A 64 7.30 -29.74 0.60
CA LEU A 64 7.06 -30.83 -0.35
C LEU A 64 7.12 -32.19 0.35
N ALA A 65 8.09 -32.35 1.24
CA ALA A 65 8.23 -33.62 1.96
C ALA A 65 6.92 -33.94 2.66
N LYS A 66 6.43 -32.99 3.45
CA LYS A 66 5.20 -33.17 4.21
C LYS A 66 3.99 -33.45 3.33
N LEU A 67 3.78 -32.60 2.32
CA LEU A 67 2.65 -32.74 1.42
C LEU A 67 2.73 -33.99 0.54
N LYS A 68 3.94 -34.40 0.18
CA LYS A 68 4.13 -35.60 -0.64
C LYS A 68 3.79 -36.85 0.15
N GLU A 69 4.39 -36.94 1.33
CA GLU A 69 4.20 -38.09 2.22
C GLU A 69 2.83 -38.09 2.87
N GLY A 70 2.14 -36.94 2.81
CA GLY A 70 0.81 -36.85 3.40
C GLY A 70 0.82 -36.56 4.89
N CYS A 71 0.23 -35.43 5.25
CA CYS A 71 0.17 -35.01 6.64
C CYS A 71 -1.14 -34.29 6.88
N THR A 72 -1.22 -33.62 8.01
CA THR A 72 -2.39 -32.85 8.34
C THR A 72 -2.01 -31.38 8.12
N ILE A 73 -2.81 -30.67 7.35
CA ILE A 73 -2.56 -29.26 7.11
C ILE A 73 -3.44 -28.50 8.10
N ILE A 74 -2.82 -27.95 9.14
CA ILE A 74 -3.52 -27.23 10.21
C ILE A 74 -3.71 -25.75 9.87
N CYS A 75 -4.97 -25.29 9.85
CA CYS A 75 -5.30 -23.91 9.51
C CYS A 75 -5.83 -23.12 10.69
N ASP A 76 -5.51 -21.83 10.77
CA ASP A 76 -5.99 -21.02 11.87
C ASP A 76 -7.43 -20.56 11.66
N SER A 77 -7.91 -20.56 10.42
CA SER A 77 -9.27 -20.12 10.16
C SER A 77 -9.95 -20.96 9.09
N GLU A 78 -11.27 -20.93 9.08
CA GLU A 78 -12.04 -21.69 8.10
C GLU A 78 -11.80 -21.14 6.70
N VAL A 80 -9.03 -20.04 5.38
CA VAL A 80 -7.83 -20.66 4.86
C VAL A 80 -8.16 -22.10 4.47
N ARG A 81 -8.89 -22.80 5.32
CA ARG A 81 -9.25 -24.17 5.04
C ARG A 81 -10.12 -24.30 3.80
N ALA A 82 -11.05 -23.36 3.63
CA ALA A 82 -11.93 -23.41 2.47
C ALA A 82 -11.20 -23.00 1.20
N GLY A 83 -10.08 -22.29 1.36
CA GLY A 83 -9.34 -21.84 0.19
C GLY A 83 -8.38 -22.87 -0.39
N ILE A 84 -8.10 -23.94 0.34
CA ILE A 84 -7.20 -24.97 -0.14
C ILE A 84 -8.04 -26.01 -0.89
N TYR A 85 -7.87 -26.05 -2.21
CA TYR A 85 -8.65 -26.96 -3.05
C TYR A 85 -7.84 -27.82 -4.03
N SER A 86 -6.54 -27.60 -4.12
CA SER A 86 -5.72 -28.39 -5.04
C SER A 86 -5.95 -29.88 -4.85
N ARG A 87 -6.40 -30.55 -5.90
CA ARG A 87 -6.68 -31.99 -5.83
C ARG A 87 -5.48 -32.82 -5.39
N PRO A 88 -4.30 -32.58 -6.00
CA PRO A 88 -3.13 -33.36 -5.62
C PRO A 88 -2.81 -33.19 -4.13
N VAL A 89 -3.08 -32.01 -3.59
CA VAL A 89 -2.82 -31.77 -2.17
C VAL A 89 -3.84 -32.50 -1.32
N LEU A 90 -5.13 -32.26 -1.60
CA LEU A 90 -6.20 -32.86 -0.82
C LEU A 90 -6.22 -34.39 -0.86
N GLU A 91 -5.74 -34.97 -1.96
CA GLU A 91 -5.74 -36.41 -2.07
C GLU A 91 -4.78 -37.09 -1.11
N ARG A 92 -3.68 -36.41 -0.77
CA ARG A 92 -2.71 -37.00 0.16
C ARG A 92 -2.74 -36.35 1.53
N ASN A 93 -3.31 -35.15 1.63
CA ASN A 93 -3.34 -34.45 2.90
C ASN A 93 -4.71 -34.08 3.39
N ARG A 94 -4.86 -34.03 4.72
CA ARG A 94 -6.12 -33.66 5.34
C ARG A 94 -5.99 -32.22 5.84
N VAL A 95 -6.96 -31.38 5.50
CA VAL A 95 -6.94 -29.99 5.90
C VAL A 95 -7.91 -29.78 7.05
N VAL A 96 -7.41 -29.29 8.18
CA VAL A 96 -8.27 -29.09 9.34
C VAL A 96 -8.18 -27.72 10.01
N CYS A 97 -9.22 -27.39 10.76
CA CYS A 97 -9.27 -26.12 11.50
C CYS A 97 -10.00 -26.43 12.80
N TYR A 98 -9.36 -26.14 13.92
CA TYR A 98 -9.96 -26.43 15.23
C TYR A 98 -10.49 -25.19 15.92
N LEU A 99 -10.56 -24.08 15.19
CA LEU A 99 -11.04 -22.83 15.75
C LEU A 99 -12.38 -23.00 16.44
N ASN A 100 -13.31 -23.65 15.76
CA ASN A 100 -14.65 -23.84 16.30
C ASN A 100 -14.86 -25.16 17.05
N ASP A 101 -13.77 -25.85 17.37
CA ASP A 101 -13.89 -27.10 18.13
C ASP A 101 -14.37 -26.65 19.51
N VAL A 102 -15.17 -27.46 20.19
CA VAL A 102 -15.66 -27.10 21.52
C VAL A 102 -14.53 -27.04 22.54
N ARG A 103 -13.48 -27.81 22.32
CA ARG A 103 -12.33 -27.83 23.22
C ARG A 103 -11.54 -26.53 23.16
N SER A 104 -11.63 -25.83 22.03
CA SER A 104 -10.87 -24.59 21.87
C SER A 104 -11.40 -23.45 22.73
N LYS A 105 -12.72 -23.31 22.80
CA LYS A 105 -13.29 -22.24 23.61
C LYS A 105 -12.91 -22.45 25.07
N GLU A 106 -13.01 -23.69 25.52
CA GLU A 106 -12.69 -24.03 26.90
C GLU A 106 -11.23 -23.72 27.21
N ALA A 108 -9.20 -21.75 25.56
CA ALA A 108 -8.93 -20.33 25.42
C ALA A 108 -9.33 -19.56 26.68
N ASP A 109 -10.49 -19.91 27.23
CA ASP A 109 -10.98 -19.23 28.44
C ASP A 109 -10.14 -19.55 29.67
N VAL A 110 -9.82 -20.83 29.85
CA VAL A 110 -9.02 -21.28 30.98
C VAL A 110 -7.64 -20.64 30.99
N ASN A 111 -6.98 -20.64 29.84
CA ASN A 111 -5.63 -20.09 29.72
C ASN A 111 -5.54 -18.61 29.39
N GLY A 112 -6.66 -17.99 29.05
CA GLY A 112 -6.63 -16.58 28.71
C GLY A 112 -5.86 -16.30 27.43
N ILE A 113 -6.05 -17.12 26.42
CA ILE A 113 -5.40 -16.94 25.12
C ILE A 113 -6.54 -16.85 24.12
N THR A 114 -6.26 -16.44 22.88
CA THR A 114 -7.33 -16.34 21.88
C THR A 114 -7.82 -17.70 21.46
N ARG A 115 -8.98 -17.72 20.82
CA ARG A 115 -9.60 -18.93 20.34
C ARG A 115 -8.75 -19.52 19.20
N SER A 116 -8.23 -18.64 18.35
CA SER A 116 -7.39 -19.08 17.22
C SER A 116 -6.14 -19.79 17.75
N ALA A 117 -5.52 -19.20 18.76
CA ALA A 117 -4.32 -19.78 19.36
C ALA A 117 -4.68 -21.13 19.98
N ALA A 118 -5.85 -21.19 20.62
CA ALA A 118 -6.29 -22.43 21.26
C ALA A 118 -6.51 -23.51 20.22
N GLY A 119 -7.07 -23.12 19.08
CA GLY A 119 -7.31 -24.05 18.00
C GLY A 119 -6.03 -24.63 17.42
N ILE A 120 -4.99 -23.81 17.32
CA ILE A 120 -3.72 -24.28 16.80
C ILE A 120 -3.13 -25.29 17.79
N ARG A 121 -3.17 -24.96 19.08
CA ARG A 121 -2.64 -25.84 20.11
C ARG A 121 -3.37 -27.19 20.12
N ILE A 122 -4.69 -27.16 20.08
CA ILE A 122 -5.48 -28.39 20.09
C ILE A 122 -5.14 -29.21 18.84
N ALA A 123 -5.13 -28.55 17.68
CA ALA A 123 -4.83 -29.21 16.41
C ALA A 123 -3.48 -29.89 16.40
N GLN A 125 -1.75 -30.79 18.97
CA GLN A 125 -1.69 -31.85 19.96
C GLN A 125 -2.34 -33.09 19.37
N ASP A 126 -3.41 -32.88 18.61
CA ASP A 126 -4.12 -33.99 17.99
C ASP A 126 -3.36 -34.54 16.77
N HIS A 127 -2.69 -33.67 16.02
CA HIS A 127 -1.93 -34.11 14.85
C HIS A 127 -0.48 -33.64 14.90
N ARG A 128 0.41 -34.54 15.30
CA ARG A 128 1.82 -34.22 15.40
C ARG A 128 2.44 -33.90 14.05
N ASN A 129 2.24 -34.78 13.07
CA ASN A 129 2.82 -34.58 11.76
C ASN A 129 2.01 -33.56 10.97
N SER A 130 2.45 -32.31 10.98
CA SER A 130 1.69 -31.29 10.29
C SER A 130 2.46 -30.21 9.57
N VAL A 131 1.68 -29.35 8.94
CA VAL A 131 2.13 -28.18 8.23
C VAL A 131 1.17 -27.14 8.81
N ILE A 132 1.69 -25.97 9.19
CA ILE A 132 0.85 -24.92 9.78
C ILE A 132 0.60 -23.81 8.79
N VAL A 133 -0.66 -23.49 8.57
CA VAL A 133 -1.01 -22.44 7.63
C VAL A 133 -1.78 -21.37 8.39
N ILE A 134 -1.17 -20.20 8.51
CA ILE A 134 -1.80 -19.08 9.20
C ILE A 134 -2.22 -18.00 8.20
N GLY A 135 -3.52 -17.75 8.09
CA GLY A 135 -3.96 -16.72 7.17
C GLY A 135 -4.63 -15.55 7.87
N ASN A 136 -4.76 -15.63 9.19
CA ASN A 136 -5.44 -14.54 9.89
C ASN A 136 -4.83 -14.01 11.18
N ALA A 137 -4.91 -14.82 12.23
CA ALA A 137 -4.48 -14.41 13.56
C ALA A 137 -3.01 -14.43 13.96
N PRO A 138 -2.47 -13.27 14.36
CA PRO A 138 -1.08 -13.17 14.77
C PRO A 138 -0.83 -14.07 15.97
N THR A 139 -1.81 -14.18 16.85
CA THR A 139 -1.65 -15.03 18.03
C THR A 139 -1.60 -16.50 17.62
N ALA A 140 -2.21 -16.82 16.50
CA ALA A 140 -2.19 -18.21 16.04
C ALA A 140 -0.76 -18.50 15.56
N LEU A 141 -0.17 -17.56 14.84
CA LEU A 141 1.19 -17.76 14.38
C LEU A 141 2.09 -17.86 15.60
N LEU A 142 1.85 -17.01 16.58
CA LEU A 142 2.69 -17.03 17.78
C LEU A 142 2.59 -18.36 18.51
N GLU A 143 1.38 -18.93 18.58
CA GLU A 143 1.21 -20.20 19.27
C GLU A 143 1.88 -21.34 18.51
N ALA A 144 1.81 -21.32 17.18
CA ALA A 144 2.44 -22.37 16.38
C ALA A 144 3.95 -22.37 16.63
N ARG A 146 5.48 -21.16 19.26
CA ARG A 146 5.72 -21.57 20.64
C ARG A 146 5.71 -23.10 20.74
N ILE A 148 6.31 -25.32 18.38
CA ILE A 148 7.47 -25.85 17.70
C ILE A 148 8.75 -25.66 18.50
N GLU A 149 8.95 -24.46 19.04
CA GLU A 149 10.15 -24.17 19.82
C GLU A 149 10.19 -24.82 21.20
N GLU A 150 9.02 -25.03 21.81
CA GLU A 150 8.95 -25.67 23.12
C GLU A 150 9.10 -27.17 23.00
N ASN A 151 8.72 -27.73 21.85
CA ASN A 151 8.81 -29.17 21.67
C ASN A 151 9.95 -29.61 20.76
N GLY A 152 10.52 -28.67 20.01
CA GLY A 152 11.60 -28.99 19.10
C GLY A 152 11.12 -29.70 17.84
N TRP A 153 9.92 -29.34 17.37
CA TRP A 153 9.34 -29.96 16.18
C TRP A 153 9.69 -29.21 14.91
N TYR A 154 10.98 -29.05 14.65
CA TYR A 154 11.43 -28.30 13.49
C TYR A 154 11.19 -28.99 12.14
N ASP A 155 10.51 -30.12 12.15
CA ASP A 155 10.19 -30.81 10.92
C ASP A 155 8.98 -30.09 10.32
N ILE A 156 8.29 -29.33 11.17
CA ILE A 156 7.08 -28.59 10.79
C ILE A 156 7.31 -27.23 10.14
N PRO A 157 6.85 -27.05 8.90
CA PRO A 157 7.05 -25.75 8.26
C PRO A 157 5.83 -24.87 8.50
N ILE A 158 6.01 -23.56 8.44
CA ILE A 158 4.90 -22.65 8.66
C ILE A 158 4.68 -21.65 7.54
N VAL A 159 3.45 -21.58 7.06
CA VAL A 159 3.04 -20.59 6.05
C VAL A 159 2.43 -19.52 6.97
N GLY A 160 3.25 -18.55 7.38
CA GLY A 160 2.81 -17.52 8.30
C GLY A 160 2.39 -16.20 7.68
N ILE A 161 1.12 -16.11 7.29
CA ILE A 161 0.60 -14.92 6.63
C ILE A 161 -0.50 -14.22 7.44
N PRO A 162 -0.30 -13.99 8.75
CA PRO A 162 -1.36 -13.32 9.49
C PRO A 162 -1.50 -11.88 9.00
N VAL A 163 -2.70 -11.33 9.11
CA VAL A 163 -2.97 -9.97 8.69
C VAL A 163 -3.12 -9.14 9.96
N GLY A 164 -2.84 -7.85 9.86
CA GLY A 164 -2.98 -7.01 11.03
C GLY A 164 -2.01 -5.86 10.99
N PHE A 165 -1.69 -5.34 12.16
CA PHE A 165 -0.77 -4.23 12.23
C PHE A 165 0.45 -4.54 13.07
N ILE A 166 0.67 -3.81 14.16
CA ILE A 166 1.86 -4.06 14.97
C ILE A 166 1.96 -5.54 15.35
N ASN A 167 0.85 -6.09 15.82
CA ASN A 167 0.76 -7.49 16.24
C ASN A 167 1.23 -8.44 15.15
N ALA A 168 0.69 -8.26 13.94
CA ALA A 168 1.04 -9.11 12.79
C ALA A 168 2.50 -8.94 12.36
N SER A 169 2.94 -7.69 12.26
CA SER A 169 4.31 -7.39 11.84
C SER A 169 5.30 -8.04 12.77
N LYS A 170 5.08 -7.87 14.06
CA LYS A 170 5.98 -8.40 15.04
C LYS A 170 6.02 -9.93 15.04
N ALA A 171 4.86 -10.56 14.94
CA ALA A 171 4.84 -12.02 14.94
C ALA A 171 5.58 -12.55 13.72
N LYS A 172 5.35 -11.94 12.55
CA LYS A 172 6.02 -12.40 11.33
C LYS A 172 7.50 -12.09 11.39
N GLU A 173 7.86 -11.00 12.06
CA GLU A 173 9.25 -10.63 12.22
C GLU A 173 9.93 -11.74 13.02
N GLY A 174 9.25 -12.20 14.09
CA GLY A 174 9.79 -13.28 14.89
C GLY A 174 9.98 -14.53 14.03
N LEU A 175 8.99 -14.84 13.20
CA LEU A 175 9.04 -16.00 12.31
C LEU A 175 10.32 -15.96 11.46
N VAL A 176 10.50 -14.87 10.72
CA VAL A 176 11.66 -14.70 9.85
C VAL A 176 13.00 -14.88 10.57
N SER A 177 13.03 -14.54 11.85
CA SER A 177 14.26 -14.64 12.65
C SER A 177 14.44 -15.98 13.32
N SER A 178 13.40 -16.79 13.35
CA SER A 178 13.46 -18.09 14.01
C SER A 178 14.24 -19.11 13.20
N HIS A 179 14.36 -20.31 13.76
CA HIS A 179 15.03 -21.40 13.08
C HIS A 179 13.94 -22.36 12.58
N ILE A 180 12.76 -21.80 12.28
CA ILE A 180 11.63 -22.58 11.79
C ILE A 180 11.56 -22.39 10.28
N GLU A 181 11.26 -23.44 9.51
CA GLU A 181 11.15 -23.29 8.06
C GLU A 181 9.84 -22.55 7.83
N TYR A 182 9.85 -21.58 6.93
CA TYR A 182 8.64 -20.79 6.74
C TYR A 182 8.62 -20.00 5.44
N ILE A 183 7.47 -19.37 5.23
CA ILE A 183 7.25 -18.43 4.14
C ILE A 183 6.36 -17.39 4.81
N SER A 184 6.58 -16.12 4.49
CA SER A 184 5.77 -15.08 5.09
C SER A 184 5.82 -13.85 4.20
N VAL A 185 5.11 -12.80 4.64
CA VAL A 185 5.05 -11.55 3.91
C VAL A 185 5.33 -10.47 4.94
N GLU A 186 6.44 -9.76 4.76
CA GLU A 186 6.79 -8.72 5.70
C GLU A 186 5.81 -7.58 5.72
N GLY A 187 5.52 -7.07 6.92
CA GLY A 187 4.61 -5.95 7.05
C GLY A 187 3.23 -6.29 7.55
N HIS A 188 2.28 -5.41 7.24
CA HIS A 188 0.89 -5.57 7.67
C HIS A 188 0.10 -6.52 6.77
N ARG A 189 0.45 -6.55 5.49
CA ARG A 189 -0.26 -7.39 4.52
C ARG A 189 -0.17 -8.89 4.77
N GLY A 190 -1.25 -9.59 4.42
CA GLY A 190 -1.29 -11.04 4.59
C GLY A 190 -2.72 -11.46 4.27
N GLY A 191 -3.17 -12.57 4.82
CA GLY A 191 -4.53 -12.99 4.56
C GLY A 191 -4.68 -14.40 4.06
N SER A 192 -5.90 -14.91 4.16
CA SER A 192 -6.23 -16.26 3.74
C SER A 192 -5.99 -16.53 2.27
N PRO A 193 -6.41 -15.62 1.37
CA PRO A 193 -6.18 -15.86 -0.05
C PRO A 193 -4.71 -16.18 -0.35
N ILE A 194 -3.81 -15.39 0.22
CA ILE A 194 -2.39 -15.61 0.01
C ILE A 194 -1.93 -16.92 0.64
N ALA A 195 -2.30 -17.14 1.89
CA ALA A 195 -1.90 -18.35 2.59
C ALA A 195 -2.36 -19.59 1.83
N ALA A 196 -3.62 -19.57 1.41
CA ALA A 196 -4.19 -20.71 0.70
C ALA A 196 -3.56 -20.93 -0.67
N SER A 197 -3.25 -19.85 -1.39
CA SER A 197 -2.66 -19.96 -2.71
C SER A 197 -1.29 -20.63 -2.66
N ILE A 198 -0.53 -20.34 -1.62
CA ILE A 198 0.79 -20.94 -1.46
C ILE A 198 0.67 -22.46 -1.33
N VAL A 199 -0.27 -22.93 -0.50
CA VAL A 199 -0.46 -24.37 -0.33
C VAL A 199 -0.90 -24.97 -1.67
N ASN A 200 -1.88 -24.35 -2.32
CA ASN A 200 -2.37 -24.83 -3.61
C ASN A 200 -1.24 -24.91 -4.62
N GLY A 201 -0.35 -23.94 -4.58
CA GLY A 201 0.77 -23.89 -5.50
C GLY A 201 1.64 -25.13 -5.47
N PHE A 202 1.68 -25.81 -4.33
CA PHE A 202 2.50 -27.02 -4.23
C PHE A 202 1.88 -28.21 -4.96
N GLY A 203 0.57 -28.20 -5.15
CA GLY A 203 -0.10 -29.30 -5.82
C GLY A 203 0.61 -29.76 -7.07
N ARG A 204 1.10 -28.78 -7.83
CA ARG A 204 1.82 -29.03 -9.07
C ARG A 204 3.05 -29.91 -8.92
N PHE A 205 3.70 -29.87 -7.76
CA PHE A 205 4.92 -30.65 -7.56
C PHE A 205 4.76 -31.98 -6.82
N LEU A 206 3.53 -32.34 -6.50
CA LEU A 206 3.27 -33.59 -5.78
C LEU A 206 3.12 -34.78 -6.73
N GLU B 14 2.22 15.90 15.01
CA GLU B 14 1.61 17.23 14.72
C GLU B 14 0.12 17.21 14.96
N GLU B 15 -0.41 16.04 15.34
CA GLU B 15 -1.83 15.89 15.58
C GLU B 15 -2.04 14.56 16.31
N ARG B 16 -3.23 14.01 16.19
CA ARG B 16 -3.53 12.72 16.80
C ARG B 16 -2.79 11.74 15.90
N SER B 17 -2.30 12.27 14.78
CA SER B 17 -1.56 11.50 13.79
C SER B 17 -0.33 10.93 14.47
N LEU B 18 0.40 11.79 15.17
CA LEU B 18 1.61 11.39 15.88
C LEU B 18 1.28 10.18 16.73
N ALA B 19 0.19 10.28 17.50
CA ALA B 19 -0.23 9.19 18.36
C ALA B 19 -0.54 7.96 17.53
N ALA B 20 -1.24 8.17 16.42
CA ALA B 20 -1.62 7.09 15.52
C ALA B 20 -0.38 6.42 14.96
N ILE B 21 0.61 7.23 14.61
CA ILE B 21 1.86 6.72 14.06
C ILE B 21 2.60 5.93 15.12
N ASP B 22 2.66 6.48 16.34
CA ASP B 22 3.37 5.80 17.42
C ASP B 22 2.84 4.39 17.65
N SER B 23 1.53 4.21 17.52
CA SER B 23 0.92 2.90 17.72
C SER B 23 1.27 1.95 16.59
N ILE B 25 4.24 1.89 15.20
CA ILE B 25 5.66 1.55 15.34
C ILE B 25 5.86 0.56 16.48
N ASP B 26 6.57 -0.52 16.19
CA ASP B 26 6.85 -1.55 17.18
C ASP B 26 7.54 -0.94 18.39
N PRO B 27 7.06 -1.27 19.60
CA PRO B 27 7.64 -0.75 20.85
C PRO B 27 9.14 -1.00 20.91
N ASP B 28 9.59 -2.07 20.27
CA ASP B 28 11.01 -2.41 20.25
C ASP B 28 11.89 -1.24 19.83
N ILE B 29 11.34 -0.36 19.01
CA ILE B 29 12.11 0.81 18.55
C ILE B 29 12.09 1.87 19.65
N SER B 30 13.19 1.96 20.39
CA SER B 30 13.30 2.91 21.48
C SER B 30 14.47 3.87 21.30
N GLY B 31 14.51 4.89 22.14
CA GLY B 31 15.58 5.87 22.03
C GLY B 31 15.22 6.91 20.98
N PRO B 32 16.18 7.76 20.60
CA PRO B 32 16.02 8.81 19.60
C PRO B 32 15.51 8.33 18.24
N ARG B 34 13.17 6.36 17.61
CA ARG B 34 11.72 6.29 17.56
C ARG B 34 11.18 7.60 17.02
N HIS B 35 11.87 8.70 17.34
CA HIS B 35 11.46 10.00 16.88
C HIS B 35 11.71 10.11 15.38
N ILE B 36 12.90 9.68 14.97
CA ILE B 36 13.25 9.72 13.57
C ILE B 36 12.30 8.86 12.74
N VAL B 37 12.01 7.66 13.22
CA VAL B 37 11.10 6.79 12.50
C VAL B 37 9.71 7.43 12.39
N VAL B 38 9.23 8.02 13.47
CA VAL B 38 7.93 8.66 13.44
C VAL B 38 7.88 9.76 12.39
N LYS B 39 8.99 10.48 12.21
CA LYS B 39 9.03 11.56 11.22
C LYS B 39 9.04 11.01 9.81
N ALA B 40 9.70 9.88 9.60
CA ALA B 40 9.76 9.25 8.29
C ALA B 40 8.36 8.82 7.84
N ILE B 41 7.61 8.19 8.75
CA ILE B 41 6.26 7.72 8.46
C ILE B 41 5.33 8.90 8.19
N HIS B 42 5.49 9.96 8.97
CA HIS B 42 4.65 11.14 8.81
C HIS B 42 4.92 11.80 7.46
N ALA B 43 6.18 11.82 7.05
CA ALA B 43 6.56 12.43 5.78
C ALA B 43 6.04 11.59 4.62
N ALA B 44 5.94 10.28 4.82
CA ALA B 44 5.45 9.40 3.77
C ALA B 44 3.93 9.40 3.74
N GLY B 45 3.32 9.94 4.79
CA GLY B 45 1.87 9.98 4.88
C GLY B 45 1.28 8.61 4.63
N ASP B 46 1.92 7.58 5.16
CA ASP B 46 1.45 6.21 4.95
C ASP B 46 1.96 5.26 6.04
N PHE B 47 1.02 4.71 6.81
CA PHE B 47 1.34 3.79 7.89
C PHE B 47 1.95 2.50 7.40
N ALA B 48 1.71 2.18 6.14
CA ALA B 48 2.21 0.95 5.54
C ALA B 48 3.72 0.74 5.67
N ILE B 49 4.51 1.80 5.53
CA ILE B 49 5.95 1.64 5.61
C ILE B 49 6.52 1.49 7.03
N ALA B 50 5.69 1.73 8.04
CA ALA B 50 6.17 1.62 9.41
C ALA B 50 6.92 0.31 9.68
N PRO B 51 6.30 -0.84 9.37
CA PRO B 51 6.95 -2.13 9.59
C PRO B 51 8.06 -2.42 8.58
N LEU B 52 8.16 -1.59 7.57
CA LEU B 52 9.15 -1.82 6.53
C LEU B 52 10.46 -1.08 6.74
N ILE B 53 10.48 -0.13 7.67
CA ILE B 53 11.69 0.60 7.95
C ILE B 53 12.72 -0.30 8.63
N ARG B 54 13.95 -0.22 8.18
CA ARG B 54 15.01 -1.01 8.77
C ARG B 54 16.25 -0.14 8.91
N TYR B 55 17.06 -0.43 9.92
CA TYR B 55 18.29 0.33 10.15
C TYR B 55 19.23 -0.49 11.02
N SER B 56 20.53 -0.24 10.84
CA SER B 56 21.56 -0.94 11.60
C SER B 56 21.65 -0.41 13.02
N ASP B 57 22.12 -1.25 13.94
CA ASP B 57 22.25 -0.87 15.34
C ASP B 57 23.13 0.37 15.51
N GLY B 58 24.15 0.50 14.67
CA GLY B 58 25.05 1.63 14.77
C GLY B 58 24.68 2.84 13.92
N PHE B 59 23.50 2.83 13.31
CA PHE B 59 23.09 3.95 12.47
C PHE B 59 22.96 5.26 13.23
N PHE B 60 22.18 5.25 14.29
CA PHE B 60 21.98 6.49 15.04
C PHE B 60 23.28 7.13 15.52
N LYS B 61 24.12 6.35 16.20
CA LYS B 61 25.39 6.87 16.70
C LYS B 61 26.27 7.38 15.57
N SER B 62 26.33 6.62 14.47
CA SER B 62 27.15 6.99 13.33
C SER B 62 26.66 8.27 12.66
N LEU B 64 24.60 10.72 14.12
CA LEU B 64 24.69 11.84 15.04
C LEU B 64 26.13 12.34 15.15
N ALA B 65 27.08 11.42 15.08
CA ALA B 65 28.49 11.78 15.15
C ALA B 65 28.82 12.71 14.00
N LYS B 66 28.53 12.24 12.79
CA LYS B 66 28.77 13.00 11.57
C LYS B 66 28.12 14.38 11.55
N LEU B 67 26.85 14.43 11.94
CA LEU B 67 26.12 15.69 11.95
C LEU B 67 26.49 16.62 13.10
N LYS B 68 26.97 16.05 14.20
CA LYS B 68 27.34 16.87 15.36
C LYS B 68 28.72 17.49 15.14
N GLU B 69 29.60 16.77 14.47
CA GLU B 69 30.95 17.25 14.20
C GLU B 69 31.02 18.12 12.95
N GLY B 70 29.98 18.07 12.12
CA GLY B 70 29.99 18.87 10.91
C GLY B 70 30.60 18.07 9.77
N CYS B 71 29.79 17.78 8.75
CA CYS B 71 30.27 17.01 7.59
C CYS B 71 29.56 17.50 6.35
N THR B 72 29.70 16.74 5.26
CA THR B 72 29.05 17.10 4.02
C THR B 72 27.98 16.05 3.71
N ILE B 73 26.73 16.51 3.63
CA ILE B 73 25.62 15.60 3.33
C ILE B 73 25.47 15.52 1.81
N ILE B 74 25.85 14.37 1.25
CA ILE B 74 25.76 14.15 -0.18
C ILE B 74 24.40 13.57 -0.55
N CYS B 75 23.69 14.25 -1.46
CA CYS B 75 22.36 13.83 -1.92
C CYS B 75 22.36 13.39 -3.37
N ASP B 76 21.44 12.49 -3.73
CA ASP B 76 21.36 12.01 -5.10
C ASP B 76 20.44 12.85 -5.98
N SER B 77 19.74 13.82 -5.40
CA SER B 77 18.83 14.66 -6.18
C SER B 77 18.53 15.98 -5.48
N GLU B 78 18.14 16.98 -6.27
CA GLU B 78 17.83 18.30 -5.72
C GLU B 78 16.66 18.32 -4.75
N VAL B 80 15.88 16.07 -2.48
CA VAL B 80 16.36 15.70 -1.16
C VAL B 80 17.04 16.90 -0.54
N ARG B 81 17.92 17.52 -1.32
CA ARG B 81 18.65 18.70 -0.89
C ARG B 81 17.71 19.81 -0.41
N ALA B 82 16.64 20.04 -1.15
CA ALA B 82 15.67 21.07 -0.81
C ALA B 82 14.80 20.71 0.39
N GLY B 83 14.68 19.41 0.65
CA GLY B 83 13.88 18.95 1.77
C GLY B 83 14.56 19.05 3.11
N ILE B 84 15.88 19.19 3.12
CA ILE B 84 16.63 19.30 4.37
C ILE B 84 16.71 20.74 4.84
N TYR B 85 15.95 21.07 5.89
CA TYR B 85 15.90 22.43 6.40
C TYR B 85 16.20 22.58 7.89
N SER B 86 16.39 21.47 8.60
CA SER B 86 16.65 21.59 10.03
C SER B 86 17.79 22.58 10.28
N ARG B 87 17.48 23.67 10.98
CA ARG B 87 18.49 24.68 11.27
C ARG B 87 19.72 24.07 11.91
N PRO B 88 19.55 23.33 13.03
CA PRO B 88 20.68 22.70 13.71
C PRO B 88 21.59 21.91 12.75
N VAL B 89 20.97 21.22 11.80
CA VAL B 89 21.71 20.43 10.82
C VAL B 89 22.51 21.30 9.86
N LEU B 90 21.86 22.27 9.25
CA LEU B 90 22.51 23.16 8.28
C LEU B 90 23.58 24.07 8.91
N GLU B 91 23.41 24.39 10.18
CA GLU B 91 24.35 25.24 10.88
C GLU B 91 25.74 24.61 10.95
N ARG B 92 25.79 23.28 11.00
CA ARG B 92 27.06 22.55 11.08
C ARG B 92 27.42 21.80 9.81
N ASN B 93 26.42 21.39 9.05
CA ASN B 93 26.66 20.60 7.87
C ASN B 93 26.28 21.28 6.57
N ARG B 94 26.98 20.89 5.51
CA ARG B 94 26.73 21.44 4.19
C ARG B 94 26.11 20.33 3.34
N VAL B 95 25.00 20.64 2.68
CA VAL B 95 24.33 19.65 1.84
C VAL B 95 24.65 19.91 0.38
N VAL B 96 24.99 18.86 -0.36
CA VAL B 96 25.33 19.03 -1.77
C VAL B 96 24.61 18.02 -2.67
N CYS B 97 24.82 18.17 -3.97
CA CYS B 97 24.24 17.33 -4.97
C CYS B 97 24.97 17.57 -6.27
N TYR B 98 25.72 16.57 -6.73
CA TYR B 98 26.53 16.70 -7.94
C TYR B 98 25.88 16.10 -9.18
N LEU B 99 24.58 16.13 -9.31
CA LEU B 99 23.97 15.50 -10.45
C LEU B 99 24.19 16.29 -11.71
N ASN B 100 24.74 17.45 -11.49
CA ASN B 100 24.93 18.49 -12.48
C ASN B 100 26.34 19.02 -12.58
N ASP B 101 27.35 18.24 -12.25
CA ASP B 101 28.66 18.91 -12.24
C ASP B 101 29.49 18.94 -13.53
N VAL B 102 28.93 18.51 -14.65
CA VAL B 102 29.66 18.56 -15.94
C VAL B 102 30.90 17.69 -16.02
N ARG B 103 31.17 16.93 -14.98
CA ARG B 103 32.22 15.93 -14.95
C ARG B 103 31.40 14.65 -14.86
N SER B 104 30.16 14.84 -14.43
CA SER B 104 29.18 13.75 -14.28
C SER B 104 28.85 13.07 -15.61
N LYS B 105 28.37 13.86 -16.58
CA LYS B 105 28.00 13.32 -17.88
C LYS B 105 29.20 12.67 -18.56
N GLU B 106 30.34 13.34 -18.52
CA GLU B 106 31.55 12.81 -19.13
C GLU B 106 31.88 11.45 -18.50
N ALA B 108 29.88 9.52 -16.74
CA ALA B 108 28.79 8.58 -16.97
C ALA B 108 29.01 7.82 -18.27
N ASP B 109 29.38 8.54 -19.32
CA ASP B 109 29.62 7.94 -20.63
C ASP B 109 30.80 6.97 -20.64
N VAL B 110 31.95 7.44 -20.17
CA VAL B 110 33.16 6.64 -20.13
C VAL B 110 33.05 5.39 -19.26
N ASN B 111 32.60 5.57 -18.03
CA ASN B 111 32.46 4.46 -17.09
C ASN B 111 31.21 3.62 -17.32
N GLY B 112 30.30 4.13 -18.14
CA GLY B 112 29.08 3.40 -18.43
C GLY B 112 28.09 3.37 -17.29
N ILE B 113 28.05 4.44 -16.50
CA ILE B 113 27.14 4.53 -15.37
C ILE B 113 26.13 5.65 -15.58
N THR B 114 25.15 5.72 -14.70
CA THR B 114 24.13 6.76 -14.78
C THR B 114 24.74 8.04 -14.23
N ARG B 115 24.10 9.17 -14.50
CA ARG B 115 24.61 10.45 -14.01
C ARG B 115 24.48 10.55 -12.50
N SER B 116 23.42 9.95 -11.94
CA SER B 116 23.24 9.98 -10.50
C SER B 116 24.43 9.34 -9.81
N ALA B 117 24.84 8.18 -10.33
CA ALA B 117 25.96 7.43 -9.80
C ALA B 117 27.24 8.25 -9.95
N ALA B 118 27.44 8.78 -11.16
CA ALA B 118 28.63 9.59 -11.42
C ALA B 118 28.65 10.76 -10.45
N GLY B 119 27.48 11.36 -10.22
CA GLY B 119 27.41 12.47 -9.31
C GLY B 119 27.83 12.08 -7.91
N ILE B 120 27.44 10.88 -7.47
CA ILE B 120 27.82 10.41 -6.14
C ILE B 120 29.33 10.21 -6.05
N ARG B 121 29.89 9.42 -6.96
CA ARG B 121 31.32 9.15 -6.95
C ARG B 121 32.13 10.44 -6.86
N ILE B 122 31.80 11.40 -7.72
CA ILE B 122 32.50 12.68 -7.72
C ILE B 122 32.34 13.41 -6.39
N ALA B 123 31.10 13.49 -5.91
CA ALA B 123 30.82 14.16 -4.66
C ALA B 123 31.64 13.55 -3.51
N GLN B 125 34.49 11.92 -3.74
CA GLN B 125 35.91 12.16 -3.94
C GLN B 125 36.27 13.55 -3.42
N ASP B 126 35.36 14.50 -3.63
CA ASP B 126 35.56 15.88 -3.18
C ASP B 126 35.37 16.00 -1.68
N HIS B 127 34.46 15.20 -1.13
CA HIS B 127 34.20 15.22 0.31
C HIS B 127 34.17 13.80 0.86
N ARG B 128 35.20 13.42 1.60
CA ARG B 128 35.24 12.08 2.17
C ARG B 128 34.50 11.99 3.49
N ASN B 129 34.54 13.08 4.26
CA ASN B 129 33.84 13.11 5.54
C ASN B 129 32.39 13.41 5.21
N SER B 130 31.66 12.39 4.80
CA SER B 130 30.28 12.59 4.40
C SER B 130 29.25 11.62 4.96
N VAL B 131 28.01 12.00 4.68
CA VAL B 131 26.82 11.24 5.03
C VAL B 131 26.15 11.11 3.66
N ILE B 132 25.64 9.92 3.34
CA ILE B 132 25.02 9.69 2.04
C ILE B 132 23.50 9.59 2.16
N VAL B 133 22.79 10.40 1.38
CA VAL B 133 21.33 10.40 1.41
C VAL B 133 20.74 10.11 0.04
N ILE B 134 20.17 8.92 -0.12
CA ILE B 134 19.58 8.51 -1.38
C ILE B 134 18.05 8.49 -1.29
N GLY B 135 17.40 9.32 -2.10
CA GLY B 135 15.95 9.36 -2.08
C GLY B 135 15.34 9.08 -3.44
N ASN B 136 16.17 8.62 -4.39
CA ASN B 136 15.66 8.36 -5.74
C ASN B 136 16.27 7.24 -6.57
N ALA B 137 17.50 7.44 -7.03
CA ALA B 137 18.17 6.47 -7.90
C ALA B 137 18.87 5.28 -7.26
N PRO B 138 18.42 4.07 -7.60
CA PRO B 138 19.03 2.85 -7.05
C PRO B 138 20.51 2.79 -7.41
N THR B 139 20.84 3.24 -8.62
CA THR B 139 22.22 3.24 -9.05
C THR B 139 23.07 4.17 -8.17
N ALA B 140 22.44 5.20 -7.62
CA ALA B 140 23.16 6.11 -6.73
C ALA B 140 23.49 5.34 -5.45
N LEU B 141 22.51 4.59 -4.96
CA LEU B 141 22.71 3.79 -3.75
C LEU B 141 23.81 2.77 -4.02
N LEU B 142 23.72 2.09 -5.14
CA LEU B 142 24.72 1.08 -5.50
C LEU B 142 26.12 1.69 -5.55
N GLU B 143 26.25 2.85 -6.17
CA GLU B 143 27.54 3.50 -6.29
C GLU B 143 28.13 3.92 -4.95
N ALA B 144 27.29 4.43 -4.05
CA ALA B 144 27.75 4.84 -2.73
C ALA B 144 28.28 3.64 -1.97
N ARG B 146 29.45 0.85 -3.23
CA ARG B 146 30.67 0.42 -3.89
C ARG B 146 31.86 1.25 -3.43
N ILE B 148 32.14 2.85 -0.66
CA ILE B 148 32.42 2.52 0.74
C ILE B 148 33.12 1.17 0.93
N GLU B 149 32.61 0.14 0.27
CA GLU B 149 33.19 -1.19 0.40
C GLU B 149 34.56 -1.35 -0.26
N GLU B 150 34.86 -0.50 -1.24
CA GLU B 150 36.14 -0.58 -1.92
C GLU B 150 37.23 0.19 -1.16
N ASN B 151 36.86 1.31 -0.57
CA ASN B 151 37.81 2.13 0.17
C ASN B 151 37.72 1.91 1.67
N GLY B 152 36.79 1.06 2.09
CA GLY B 152 36.61 0.79 3.50
C GLY B 152 36.28 2.02 4.33
N TRP B 153 35.39 2.87 3.82
CA TRP B 153 35.00 4.09 4.54
C TRP B 153 33.72 3.84 5.34
N TYR B 154 33.72 2.77 6.12
CA TYR B 154 32.56 2.41 6.92
C TYR B 154 32.14 3.38 7.99
N ASP B 155 32.73 4.57 8.00
CA ASP B 155 32.34 5.59 8.96
C ASP B 155 31.21 6.41 8.33
N ILE B 156 30.97 6.17 7.05
CA ILE B 156 29.92 6.89 6.33
C ILE B 156 28.59 6.14 6.39
N PRO B 157 27.58 6.76 6.99
CA PRO B 157 26.27 6.10 7.07
C PRO B 157 25.48 6.43 5.80
N ILE B 158 24.55 5.55 5.44
CA ILE B 158 23.73 5.75 4.24
C ILE B 158 22.23 5.71 4.53
N VAL B 159 21.54 6.78 4.16
CA VAL B 159 20.09 6.83 4.29
C VAL B 159 19.70 6.39 2.88
N GLY B 160 19.52 5.07 2.71
CA GLY B 160 19.20 4.53 1.40
C GLY B 160 17.73 4.30 1.11
N ILE B 161 17.05 5.36 0.67
CA ILE B 161 15.63 5.30 0.39
C ILE B 161 15.31 5.49 -1.09
N PRO B 162 15.96 4.73 -1.98
CA PRO B 162 15.64 4.92 -3.39
C PRO B 162 14.22 4.46 -3.72
N VAL B 163 13.70 4.92 -4.85
CA VAL B 163 12.36 4.54 -5.27
C VAL B 163 12.48 3.68 -6.52
N GLY B 164 11.47 2.87 -6.79
CA GLY B 164 11.50 2.04 -7.98
C GLY B 164 10.86 0.71 -7.69
N PHE B 165 11.01 -0.24 -8.60
CA PHE B 165 10.42 -1.54 -8.37
C PHE B 165 11.46 -2.62 -8.13
N ILE B 166 11.68 -3.49 -9.10
CA ILE B 166 12.66 -4.56 -8.91
C ILE B 166 14.06 -4.01 -8.58
N ASN B 167 14.51 -3.03 -9.36
CA ASN B 167 15.83 -2.44 -9.14
C ASN B 167 16.02 -1.81 -7.77
N ALA B 168 15.03 -1.03 -7.34
CA ALA B 168 15.12 -0.39 -6.03
C ALA B 168 15.20 -1.39 -4.89
N SER B 169 14.34 -2.41 -4.92
CA SER B 169 14.31 -3.43 -3.87
C SER B 169 15.61 -4.20 -3.77
N LYS B 170 16.13 -4.61 -4.91
CA LYS B 170 17.37 -5.37 -4.96
C LYS B 170 18.52 -4.55 -4.39
N ALA B 171 18.56 -3.26 -4.70
CA ALA B 171 19.61 -2.38 -4.21
C ALA B 171 19.56 -2.22 -2.70
N LYS B 172 18.35 -2.09 -2.15
CA LYS B 172 18.18 -1.91 -0.72
C LYS B 172 18.41 -3.21 0.06
N GLU B 173 18.19 -4.36 -0.58
CA GLU B 173 18.41 -5.62 0.10
C GLU B 173 19.91 -5.80 0.33
N GLY B 174 20.71 -5.31 -0.62
CA GLY B 174 22.15 -5.41 -0.46
C GLY B 174 22.60 -4.51 0.68
N LEU B 175 21.99 -3.34 0.78
CA LEU B 175 22.34 -2.39 1.83
C LEU B 175 22.11 -3.04 3.20
N VAL B 176 20.92 -3.58 3.41
CA VAL B 176 20.57 -4.21 4.69
C VAL B 176 21.43 -5.44 4.97
N SER B 177 22.16 -5.89 3.97
CA SER B 177 23.00 -7.08 4.12
C SER B 177 24.48 -6.73 4.23
N SER B 178 24.82 -5.46 4.03
CA SER B 178 26.21 -5.02 4.08
C SER B 178 26.72 -4.72 5.49
N HIS B 179 27.95 -4.23 5.53
CA HIS B 179 28.66 -3.87 6.76
C HIS B 179 28.46 -2.37 7.02
N ILE B 180 27.74 -1.72 6.12
CA ILE B 180 27.49 -0.28 6.22
C ILE B 180 26.37 0.09 7.19
N GLU B 181 26.56 1.20 7.91
CA GLU B 181 25.54 1.67 8.84
C GLU B 181 24.50 2.31 7.94
N TYR B 182 23.22 2.07 8.21
CA TYR B 182 22.20 2.60 7.31
C TYR B 182 20.79 2.57 7.88
N ILE B 183 19.88 3.17 7.11
CA ILE B 183 18.45 3.16 7.40
C ILE B 183 17.84 3.04 6.01
N SER B 184 16.83 2.18 5.88
CA SER B 184 16.19 1.97 4.60
C SER B 184 14.74 1.54 4.77
N VAL B 185 14.04 1.39 3.65
CA VAL B 185 12.65 0.96 3.65
C VAL B 185 12.58 -0.24 2.71
N GLU B 186 12.26 -1.41 3.26
CA GLU B 186 12.17 -2.61 2.45
C GLU B 186 11.05 -2.52 1.44
N GLY B 187 11.27 -3.08 0.25
CA GLY B 187 10.23 -3.06 -0.76
C GLY B 187 10.39 -2.00 -1.84
N HIS B 188 9.27 -1.60 -2.42
CA HIS B 188 9.23 -0.62 -3.51
C HIS B 188 9.20 0.82 -3.04
N ARG B 189 8.63 1.06 -1.88
CA ARG B 189 8.49 2.40 -1.34
C ARG B 189 9.79 3.14 -1.00
N GLY B 190 9.79 4.44 -1.26
CA GLY B 190 10.96 5.26 -0.97
C GLY B 190 10.61 6.72 -1.24
N GLY B 191 11.59 7.50 -1.63
CA GLY B 191 11.31 8.89 -1.93
C GLY B 191 12.10 9.91 -1.15
N SER B 192 12.25 11.09 -1.75
CA SER B 192 12.98 12.18 -1.15
C SER B 192 12.33 12.71 0.13
N PRO B 193 10.99 12.73 0.18
CA PRO B 193 10.35 13.24 1.40
C PRO B 193 10.78 12.41 2.61
N ILE B 194 10.82 11.09 2.44
CA ILE B 194 11.22 10.21 3.53
C ILE B 194 12.68 10.41 3.88
N ALA B 195 13.55 10.32 2.87
CA ALA B 195 14.98 10.47 3.10
C ALA B 195 15.33 11.81 3.77
N ALA B 196 14.70 12.88 3.32
CA ALA B 196 14.98 14.18 3.89
C ALA B 196 14.46 14.31 5.32
N SER B 197 13.30 13.73 5.59
CA SER B 197 12.73 13.83 6.93
C SER B 197 13.60 13.12 7.95
N ILE B 198 14.26 12.05 7.50
CA ILE B 198 15.13 11.30 8.40
C ILE B 198 16.29 12.18 8.87
N VAL B 199 16.88 12.95 7.96
CA VAL B 199 17.98 13.83 8.33
C VAL B 199 17.47 14.97 9.22
N ASN B 200 16.33 15.56 8.86
CA ASN B 200 15.76 16.63 9.68
C ASN B 200 15.50 16.15 11.11
N GLY B 201 15.21 14.87 11.25
CA GLY B 201 14.95 14.30 12.55
C GLY B 201 16.11 14.40 13.52
N PHE B 202 17.33 14.30 13.01
CA PHE B 202 18.50 14.38 13.87
C PHE B 202 18.69 15.79 14.41
N GLY B 203 18.13 16.77 13.72
CA GLY B 203 18.26 18.15 14.17
C GLY B 203 17.88 18.27 15.63
N ARG B 204 16.78 17.62 16.01
CA ARG B 204 16.30 17.67 17.37
C ARG B 204 17.32 17.17 18.40
N PHE B 205 18.34 16.46 17.94
CA PHE B 205 19.35 15.94 18.85
C PHE B 205 20.70 16.63 18.73
N LEU B 206 20.71 17.78 18.08
CA LEU B 206 21.93 18.56 17.92
C LEU B 206 21.82 19.85 18.73
N ARG C 16 11.28 -2.78 -18.73
CA ARG C 16 10.18 -3.77 -18.57
C ARG C 16 9.16 -3.35 -17.52
N SER C 17 9.59 -2.55 -16.54
CA SER C 17 8.70 -2.08 -15.50
C SER C 17 7.65 -1.16 -16.15
N LEU C 18 8.02 -0.59 -17.29
CA LEU C 18 7.14 0.29 -18.04
C LEU C 18 5.92 -0.51 -18.49
N ALA C 19 6.19 -1.64 -19.16
CA ALA C 19 5.13 -2.51 -19.64
C ALA C 19 4.27 -2.95 -18.47
N ALA C 20 4.93 -3.24 -17.35
CA ALA C 20 4.22 -3.67 -16.14
C ALA C 20 3.25 -2.57 -15.75
N ILE C 21 3.77 -1.35 -15.64
CA ILE C 21 2.95 -0.20 -15.27
C ILE C 21 1.80 -0.05 -16.27
N ASP C 22 2.16 0.17 -17.53
CA ASP C 22 1.17 0.33 -18.58
C ASP C 22 0.04 -0.70 -18.52
N SER C 23 0.35 -1.90 -18.05
CA SER C 23 -0.63 -2.97 -17.94
C SER C 23 -1.62 -2.71 -16.81
N ILE C 25 -2.71 0.46 -16.15
CA ILE C 25 -3.50 1.62 -16.55
C ILE C 25 -4.75 1.21 -17.32
N ASP C 26 -5.90 1.75 -16.93
CA ASP C 26 -7.15 1.45 -17.60
C ASP C 26 -7.05 1.92 -19.05
N PRO C 27 -7.34 1.02 -20.00
CA PRO C 27 -7.30 1.28 -21.45
C PRO C 27 -7.93 2.59 -21.91
N ASP C 28 -8.96 3.05 -21.20
CA ASP C 28 -9.63 4.30 -21.59
C ASP C 28 -8.68 5.49 -21.52
N ILE C 29 -7.62 5.36 -20.71
CA ILE C 29 -6.65 6.43 -20.60
C ILE C 29 -5.74 6.33 -21.81
N SER C 30 -6.04 7.14 -22.83
CA SER C 30 -5.27 7.16 -24.06
C SER C 30 -4.75 8.58 -24.28
N GLY C 31 -3.91 8.74 -25.29
CA GLY C 31 -3.35 10.06 -25.57
C GLY C 31 -2.12 10.33 -24.74
N PRO C 32 -1.56 11.54 -24.83
CA PRO C 32 -0.36 11.89 -24.07
C PRO C 32 -0.51 11.69 -22.57
N ARG C 34 -1.57 9.29 -21.05
CA ARG C 34 -1.18 7.95 -20.64
C ARG C 34 0.29 8.00 -20.21
N HIS C 35 1.09 8.73 -20.99
CA HIS C 35 2.51 8.88 -20.69
C HIS C 35 2.69 9.52 -19.32
N ILE C 36 1.89 10.56 -19.05
CA ILE C 36 1.92 11.28 -17.78
C ILE C 36 1.56 10.39 -16.60
N VAL C 37 0.52 9.59 -16.77
CA VAL C 37 0.09 8.68 -15.71
C VAL C 37 1.17 7.65 -15.43
N VAL C 38 1.85 7.18 -16.47
CA VAL C 38 2.93 6.20 -16.33
C VAL C 38 4.05 6.80 -15.49
N LYS C 39 4.40 8.04 -15.82
CA LYS C 39 5.47 8.75 -15.13
C LYS C 39 5.15 8.93 -13.65
N ALA C 40 3.92 9.30 -13.34
CA ALA C 40 3.52 9.51 -11.95
C ALA C 40 3.57 8.25 -11.10
N ILE C 41 3.20 7.11 -11.70
CA ILE C 41 3.22 5.86 -10.96
C ILE C 41 4.66 5.45 -10.68
N HIS C 42 5.50 5.59 -11.70
CA HIS C 42 6.91 5.23 -11.56
C HIS C 42 7.58 6.09 -10.50
N ALA C 43 7.23 7.36 -10.44
CA ALA C 43 7.81 8.27 -9.45
C ALA C 43 7.38 7.90 -8.04
N ALA C 44 6.20 7.29 -7.91
CA ALA C 44 5.70 6.90 -6.61
C ALA C 44 6.08 5.48 -6.23
N GLY C 45 6.59 4.71 -7.19
CA GLY C 45 6.96 3.33 -6.92
C GLY C 45 5.83 2.58 -6.24
N ASP C 46 4.61 2.74 -6.77
CA ASP C 46 3.43 2.10 -6.19
C ASP C 46 2.32 1.93 -7.22
N PHE C 47 2.10 0.71 -7.69
CA PHE C 47 1.06 0.43 -8.68
C PHE C 47 -0.33 0.66 -8.12
N ALA C 48 -0.44 0.76 -6.80
CA ALA C 48 -1.73 0.95 -6.14
C ALA C 48 -2.42 2.24 -6.54
N ILE C 49 -1.66 3.24 -6.94
CA ILE C 49 -2.27 4.52 -7.33
C ILE C 49 -2.72 4.57 -8.78
N ALA C 50 -2.27 3.61 -9.59
CA ALA C 50 -2.64 3.58 -10.99
C ALA C 50 -4.14 3.78 -11.18
N PRO C 51 -4.95 2.93 -10.53
CA PRO C 51 -6.41 3.09 -10.68
C PRO C 51 -6.97 4.24 -9.84
N LEU C 52 -6.11 4.92 -9.09
CA LEU C 52 -6.57 6.00 -8.23
C LEU C 52 -6.26 7.41 -8.75
N ILE C 53 -5.64 7.50 -9.92
CA ILE C 53 -5.33 8.79 -10.49
C ILE C 53 -6.61 9.31 -11.16
N ARG C 54 -6.94 10.56 -10.88
CA ARG C 54 -8.14 11.20 -11.43
C ARG C 54 -7.73 12.51 -12.09
N TYR C 55 -8.43 12.89 -13.15
CA TYR C 55 -8.16 14.14 -13.83
C TYR C 55 -9.35 14.54 -14.69
N SER C 56 -9.56 15.85 -14.81
CA SER C 56 -10.68 16.35 -15.59
C SER C 56 -10.44 16.20 -17.09
N ASP C 57 -11.52 16.23 -17.87
CA ASP C 57 -11.42 16.08 -19.32
C ASP C 57 -10.54 17.14 -19.97
N GLY C 58 -10.58 18.36 -19.45
CA GLY C 58 -9.78 19.42 -20.07
C GLY C 58 -8.41 19.66 -19.47
N PHE C 59 -8.02 18.86 -18.49
CA PHE C 59 -6.73 19.05 -17.83
C PHE C 59 -5.50 19.03 -18.75
N PHE C 60 -5.36 17.98 -19.56
CA PHE C 60 -4.19 17.90 -20.40
C PHE C 60 -4.02 19.11 -21.29
N LYS C 61 -5.05 19.43 -22.06
CA LYS C 61 -4.99 20.57 -22.96
C LYS C 61 -4.66 21.84 -22.19
N SER C 62 -5.36 22.07 -21.08
CA SER C 62 -5.13 23.27 -20.30
C SER C 62 -3.69 23.38 -19.80
N LEU C 64 -1.00 21.76 -20.86
CA LEU C 64 -0.10 21.87 -22.01
C LEU C 64 -0.06 23.28 -22.59
N ALA C 65 -1.23 23.90 -22.75
CA ALA C 65 -1.26 25.26 -23.30
C ALA C 65 -0.52 26.25 -22.41
N LYS C 66 -0.77 26.20 -21.11
CA LYS C 66 -0.12 27.11 -20.17
C LYS C 66 1.40 26.92 -20.20
N LEU C 67 1.86 25.68 -20.09
CA LEU C 67 3.29 25.41 -20.07
C LEU C 67 3.97 25.73 -21.38
N LYS C 68 3.21 25.61 -22.46
CA LYS C 68 3.73 25.89 -23.80
C LYS C 68 3.82 27.40 -24.01
N GLU C 69 2.79 28.10 -23.56
CA GLU C 69 2.73 29.56 -23.68
C GLU C 69 3.79 30.19 -22.78
N GLY C 70 4.03 29.57 -21.63
CA GLY C 70 4.99 30.11 -20.68
C GLY C 70 4.22 30.87 -19.62
N CYS C 71 4.13 30.29 -18.42
CA CYS C 71 3.40 30.93 -17.34
C CYS C 71 4.21 30.84 -16.06
N THR C 72 3.53 30.92 -14.92
CA THR C 72 4.18 30.84 -13.63
C THR C 72 3.66 29.58 -12.95
N ILE C 73 4.57 28.68 -12.59
CA ILE C 73 4.19 27.46 -11.91
C ILE C 73 4.31 27.72 -10.40
N ILE C 74 3.17 27.85 -9.75
CA ILE C 74 3.15 28.12 -8.31
C ILE C 74 3.16 26.83 -7.52
N CYS C 75 4.25 26.59 -6.78
CA CYS C 75 4.40 25.37 -5.98
C CYS C 75 4.13 25.67 -4.51
N ASP C 76 3.70 24.66 -3.75
CA ASP C 76 3.43 24.87 -2.34
C ASP C 76 4.65 24.61 -1.46
N SER C 77 5.59 23.84 -1.97
CA SER C 77 6.80 23.51 -1.21
C SER C 77 8.05 23.60 -2.06
N GLU C 78 9.20 23.71 -1.39
CA GLU C 78 10.47 23.80 -2.07
C GLU C 78 10.85 22.50 -2.74
N VAL C 80 8.85 20.44 -4.20
CA VAL C 80 8.12 20.33 -5.46
C VAL C 80 8.82 21.19 -6.52
N ARG C 81 9.22 22.39 -6.11
CA ARG C 81 9.90 23.30 -7.00
C ARG C 81 11.21 22.68 -7.47
N ALA C 82 11.97 22.11 -6.55
CA ALA C 82 13.24 21.47 -6.89
C ALA C 82 13.06 20.24 -7.77
N GLY C 83 11.89 19.61 -7.67
CA GLY C 83 11.63 18.42 -8.46
C GLY C 83 11.33 18.67 -9.93
N ILE C 84 10.97 19.89 -10.28
CA ILE C 84 10.65 20.24 -11.66
C ILE C 84 11.93 20.65 -12.36
N TYR C 85 12.44 19.73 -13.18
CA TYR C 85 13.70 19.96 -13.90
C TYR C 85 13.64 19.81 -15.41
N SER C 86 12.48 19.43 -15.95
CA SER C 86 12.36 19.28 -17.41
C SER C 86 12.81 20.57 -18.11
N ARG C 87 13.84 20.44 -18.95
CA ARG C 87 14.38 21.59 -19.68
C ARG C 87 13.36 22.36 -20.51
N PRO C 88 12.52 21.64 -21.28
CA PRO C 88 11.52 22.33 -22.09
C PRO C 88 10.62 23.18 -21.19
N VAL C 89 10.27 22.65 -20.04
CA VAL C 89 9.42 23.37 -19.10
C VAL C 89 10.11 24.60 -18.55
N LEU C 90 11.32 24.42 -18.04
CA LEU C 90 12.09 25.52 -17.45
C LEU C 90 12.51 26.60 -18.45
N GLU C 91 12.60 26.23 -19.72
CA GLU C 91 12.99 27.21 -20.73
C GLU C 91 11.90 28.24 -20.94
N ARG C 92 10.65 27.87 -20.72
CA ARG C 92 9.59 28.84 -20.93
C ARG C 92 8.72 29.17 -19.72
N ASN C 93 8.93 28.50 -18.62
CA ASN C 93 8.13 28.72 -17.40
C ASN C 93 8.97 29.06 -16.17
N ARG C 94 8.43 29.90 -15.30
CA ARG C 94 9.11 30.26 -14.06
C ARG C 94 8.42 29.42 -12.99
N VAL C 95 9.23 28.78 -12.15
CA VAL C 95 8.73 27.92 -11.08
C VAL C 95 8.96 28.67 -9.77
N VAL C 96 7.90 28.92 -9.03
CA VAL C 96 8.03 29.66 -7.79
C VAL C 96 7.42 28.97 -6.57
N CYS C 97 7.85 29.44 -5.40
CA CYS C 97 7.38 28.97 -4.11
C CYS C 97 7.49 30.19 -3.20
N TYR C 98 6.37 30.62 -2.63
CA TYR C 98 6.34 31.78 -1.75
C TYR C 98 6.33 31.48 -0.27
N LEU C 99 6.63 30.24 0.08
CA LEU C 99 6.64 29.82 1.46
C LEU C 99 7.50 30.72 2.35
N ASN C 100 8.62 31.20 1.82
CA ASN C 100 9.52 32.05 2.59
C ASN C 100 9.39 33.54 2.37
N ASP C 101 8.40 33.95 1.58
CA ASP C 101 8.19 35.38 1.32
C ASP C 101 7.73 36.05 2.63
N VAL C 102 8.19 37.26 2.88
CA VAL C 102 7.82 37.98 4.09
C VAL C 102 6.30 38.15 4.21
N ARG C 103 5.68 38.57 3.13
CA ARG C 103 4.24 38.78 3.11
C ARG C 103 3.49 37.53 3.54
N SER C 104 4.13 36.37 3.43
CA SER C 104 3.49 35.11 3.80
C SER C 104 3.04 35.07 5.25
N LYS C 105 3.98 35.27 6.17
CA LYS C 105 3.65 35.27 7.59
C LYS C 105 2.72 36.43 7.95
N GLU C 106 3.01 37.61 7.40
CA GLU C 106 2.18 38.78 7.69
C GLU C 106 0.72 38.58 7.27
N ALA C 108 -0.64 35.44 6.77
CA ALA C 108 -1.09 34.27 7.50
C ALA C 108 -1.69 34.74 8.83
N ASP C 109 -1.01 35.67 9.50
CA ASP C 109 -1.46 36.20 10.79
C ASP C 109 -2.79 36.95 10.72
N VAL C 110 -2.84 37.98 9.88
CA VAL C 110 -4.06 38.77 9.76
C VAL C 110 -5.26 37.98 9.23
N ASN C 111 -5.01 37.05 8.31
CA ASN C 111 -6.09 36.25 7.75
C ASN C 111 -6.38 34.95 8.50
N GLY C 112 -5.44 34.54 9.35
CA GLY C 112 -5.66 33.34 10.13
C GLY C 112 -5.63 32.04 9.34
N ILE C 113 -4.65 31.91 8.44
CA ILE C 113 -4.48 30.69 7.63
C ILE C 113 -3.03 30.25 7.81
N THR C 114 -2.69 29.07 7.30
CA THR C 114 -1.33 28.56 7.42
C THR C 114 -0.36 29.31 6.50
N ARG C 115 0.93 28.99 6.63
CA ARG C 115 1.97 29.61 5.81
C ARG C 115 1.86 29.19 4.35
N SER C 116 1.71 27.89 4.11
CA SER C 116 1.57 27.37 2.76
C SER C 116 0.41 28.07 2.07
N ALA C 117 -0.75 28.03 2.71
CA ALA C 117 -1.94 28.67 2.17
C ALA C 117 -1.65 30.12 1.84
N ALA C 118 -0.97 30.81 2.77
CA ALA C 118 -0.62 32.21 2.57
C ALA C 118 0.29 32.38 1.35
N GLY C 119 1.30 31.50 1.24
CA GLY C 119 2.21 31.55 0.11
C GLY C 119 1.43 31.44 -1.19
N ILE C 120 0.53 30.45 -1.26
CA ILE C 120 -0.29 30.27 -2.44
C ILE C 120 -1.05 31.55 -2.77
N ARG C 121 -1.70 32.12 -1.77
CA ARG C 121 -2.49 33.34 -1.98
C ARG C 121 -1.66 34.51 -2.49
N ILE C 122 -0.50 34.73 -1.88
CA ILE C 122 0.35 35.83 -2.31
C ILE C 122 0.89 35.53 -3.71
N ALA C 123 1.38 34.32 -3.90
CA ALA C 123 1.90 33.91 -5.20
C ALA C 123 0.88 34.19 -6.28
N GLN C 125 -1.70 36.27 -6.21
CA GLN C 125 -2.01 37.69 -6.35
C GLN C 125 -0.90 38.35 -7.16
N ASP C 126 0.33 37.87 -7.01
CA ASP C 126 1.45 38.41 -7.76
C ASP C 126 1.37 37.97 -9.22
N HIS C 127 1.01 36.70 -9.45
CA HIS C 127 0.92 36.15 -10.81
C HIS C 127 -0.44 35.53 -11.10
N ARG C 128 -1.27 36.24 -11.86
CA ARG C 128 -2.57 35.68 -12.16
C ARG C 128 -2.54 34.54 -13.18
N ASN C 129 -1.69 34.64 -14.20
CA ASN C 129 -1.62 33.55 -15.18
C ASN C 129 -0.72 32.47 -14.59
N SER C 130 -1.32 31.48 -13.95
CA SER C 130 -0.52 30.44 -13.33
C SER C 130 -1.06 29.03 -13.48
N VAL C 131 -0.25 28.11 -12.96
CA VAL C 131 -0.55 26.69 -12.90
C VAL C 131 -0.24 26.37 -11.43
N ILE C 132 -1.14 25.67 -10.74
CA ILE C 132 -0.88 25.37 -9.33
C ILE C 132 -0.42 23.93 -9.14
N VAL C 133 0.69 23.75 -8.43
CA VAL C 133 1.23 22.43 -8.18
C VAL C 133 1.37 22.23 -6.69
N ILE C 134 0.52 21.37 -6.13
CA ILE C 134 0.51 21.07 -4.71
C ILE C 134 1.05 19.68 -4.46
N GLY C 135 2.17 19.60 -3.75
CA GLY C 135 2.72 18.29 -3.47
C GLY C 135 2.80 17.99 -2.00
N ASN C 136 2.22 18.85 -1.17
CA ASN C 136 2.33 18.61 0.26
C ASN C 136 1.18 19.02 1.16
N ALA C 137 0.97 20.32 1.30
CA ALA C 137 -0.04 20.85 2.20
C ALA C 137 -1.49 20.92 1.74
N PRO C 138 -2.39 20.20 2.44
CA PRO C 138 -3.82 20.19 2.12
C PRO C 138 -4.38 21.61 2.13
N THR C 139 -3.96 22.42 3.10
CA THR C 139 -4.44 23.78 3.20
C THR C 139 -4.01 24.63 2.00
N ALA C 140 -2.93 24.22 1.34
CA ALA C 140 -2.46 24.94 0.16
C ALA C 140 -3.46 24.65 -0.97
N LEU C 141 -3.82 23.39 -1.15
CA LEU C 141 -4.78 23.01 -2.17
C LEU C 141 -6.11 23.73 -1.91
N LEU C 142 -6.57 23.67 -0.67
CA LEU C 142 -7.81 24.33 -0.29
C LEU C 142 -7.75 25.83 -0.59
N GLU C 143 -6.62 26.45 -0.30
CA GLU C 143 -6.49 27.89 -0.56
C GLU C 143 -6.52 28.18 -2.06
N ALA C 144 -5.84 27.37 -2.86
CA ALA C 144 -5.81 27.57 -4.31
C ALA C 144 -7.23 27.48 -4.88
N ARG C 146 -10.00 27.93 -3.28
CA ARG C 146 -10.75 29.07 -2.76
C ARG C 146 -10.50 30.32 -3.60
N ILE C 148 -9.49 30.53 -6.63
CA ILE C 148 -10.09 30.32 -7.96
C ILE C 148 -11.61 30.50 -7.97
N GLU C 149 -12.30 29.78 -7.09
CA GLU C 149 -13.74 29.85 -7.02
C GLU C 149 -14.24 31.25 -6.66
N GLU C 150 -13.53 31.94 -5.78
CA GLU C 150 -13.92 33.27 -5.38
C GLU C 150 -13.72 34.31 -6.47
N ASN C 151 -12.58 34.24 -7.17
CA ASN C 151 -12.32 35.19 -8.23
C ASN C 151 -12.83 34.77 -9.60
N GLY C 152 -13.21 33.50 -9.74
CA GLY C 152 -13.70 33.02 -11.02
C GLY C 152 -12.59 32.69 -12.00
N TRP C 153 -11.39 32.45 -11.48
CA TRP C 153 -10.24 32.13 -12.33
C TRP C 153 -10.19 30.66 -12.70
N TYR C 154 -11.22 30.18 -13.39
CA TYR C 154 -11.27 28.78 -13.76
C TYR C 154 -10.33 28.37 -14.87
N ASP C 155 -9.54 29.32 -15.36
CA ASP C 155 -8.56 29.04 -16.40
C ASP C 155 -7.33 28.39 -15.76
N ILE C 156 -7.23 28.46 -14.44
CA ILE C 156 -6.09 27.91 -13.71
C ILE C 156 -6.25 26.45 -13.37
N PRO C 157 -5.34 25.59 -13.87
CA PRO C 157 -5.39 24.16 -13.61
C PRO C 157 -4.61 23.83 -12.33
N ILE C 158 -4.95 22.71 -11.72
CA ILE C 158 -4.29 22.32 -10.49
C ILE C 158 -3.80 20.87 -10.46
N VAL C 159 -2.55 20.71 -10.06
CA VAL C 159 -1.96 19.38 -9.88
C VAL C 159 -2.10 19.28 -8.36
N GLY C 160 -3.23 18.75 -7.89
CA GLY C 160 -3.46 18.66 -6.45
C GLY C 160 -3.14 17.33 -5.81
N ILE C 161 -1.88 17.14 -5.43
CA ILE C 161 -1.44 15.89 -4.83
C ILE C 161 -0.90 16.05 -3.40
N PRO C 162 -1.68 16.69 -2.51
CA PRO C 162 -1.21 16.87 -1.12
C PRO C 162 -1.05 15.52 -0.46
N VAL C 163 -0.29 15.48 0.63
CA VAL C 163 -0.08 14.24 1.37
C VAL C 163 -0.59 14.45 2.78
N GLY C 164 -0.99 13.37 3.42
CA GLY C 164 -1.50 13.43 4.79
C GLY C 164 -2.33 12.18 5.06
N PHE C 165 -3.16 12.23 6.10
CA PHE C 165 -4.00 11.08 6.40
C PHE C 165 -5.44 11.47 6.26
N ILE C 166 -5.86 12.39 7.11
CA ILE C 166 -7.24 12.86 7.12
C ILE C 166 -7.47 13.95 6.06
N ASN C 167 -7.00 15.16 6.38
CA ASN C 167 -7.14 16.33 5.52
C ASN C 167 -6.77 16.20 4.04
N ALA C 168 -5.77 15.40 3.73
CA ALA C 168 -5.34 15.23 2.34
C ALA C 168 -6.45 14.65 1.47
N SER C 169 -6.92 13.46 1.84
CA SER C 169 -7.96 12.77 1.09
C SER C 169 -9.18 13.65 0.91
N LYS C 170 -9.61 14.32 1.98
CA LYS C 170 -10.78 15.18 1.91
C LYS C 170 -10.59 16.39 1.01
N ALA C 171 -9.41 17.00 1.06
CA ALA C 171 -9.14 18.17 0.23
C ALA C 171 -9.19 17.81 -1.26
N LYS C 172 -8.62 16.67 -1.60
CA LYS C 172 -8.60 16.23 -2.99
C LYS C 172 -9.99 15.78 -3.45
N GLU C 173 -10.81 15.38 -2.49
CA GLU C 173 -12.18 14.93 -2.76
C GLU C 173 -12.96 16.11 -3.33
N GLY C 174 -12.79 17.28 -2.69
CA GLY C 174 -13.48 18.47 -3.16
C GLY C 174 -12.95 18.90 -4.51
N LEU C 175 -11.67 18.63 -4.77
CA LEU C 175 -11.04 19.00 -6.02
C LEU C 175 -11.73 18.25 -7.17
N VAL C 176 -11.84 16.93 -7.03
CA VAL C 176 -12.45 16.11 -8.08
C VAL C 176 -13.90 16.49 -8.37
N SER C 177 -14.55 17.14 -7.40
CA SER C 177 -15.95 17.53 -7.58
C SER C 177 -16.18 19.01 -7.88
N SER C 178 -15.10 19.77 -8.04
CA SER C 178 -15.24 21.21 -8.34
C SER C 178 -15.29 21.40 -9.86
N HIS C 179 -15.22 22.65 -10.31
CA HIS C 179 -15.25 22.95 -11.74
C HIS C 179 -13.87 23.39 -12.22
N ILE C 180 -12.86 23.02 -11.45
CA ILE C 180 -11.47 23.36 -11.75
C ILE C 180 -10.84 22.23 -12.52
N GLU C 181 -10.03 22.56 -13.54
CA GLU C 181 -9.38 21.48 -14.31
C GLU C 181 -8.25 20.98 -13.39
N TYR C 182 -8.10 19.68 -13.25
CA TYR C 182 -7.09 19.17 -12.32
C TYR C 182 -6.67 17.72 -12.59
N ILE C 183 -5.71 17.28 -11.79
CA ILE C 183 -5.26 15.91 -11.79
C ILE C 183 -4.96 15.65 -10.31
N SER C 184 -5.34 14.48 -9.82
CA SER C 184 -5.11 14.19 -8.41
C SER C 184 -5.02 12.69 -8.19
N VAL C 185 -4.88 12.31 -6.93
CA VAL C 185 -4.80 10.91 -6.54
C VAL C 185 -5.76 10.72 -5.37
N GLU C 186 -6.72 9.83 -5.54
CA GLU C 186 -7.68 9.57 -4.48
C GLU C 186 -7.03 8.85 -3.32
N GLY C 187 -7.44 9.19 -2.11
CA GLY C 187 -6.89 8.53 -0.95
C GLY C 187 -5.85 9.37 -0.26
N HIS C 188 -5.04 8.71 0.56
CA HIS C 188 -4.00 9.40 1.31
C HIS C 188 -2.71 9.62 0.53
N ARG C 189 -2.44 8.78 -0.46
CA ARG C 189 -1.21 8.90 -1.24
C ARG C 189 -1.08 10.19 -2.03
N GLY C 190 0.10 10.81 -1.94
CA GLY C 190 0.36 12.05 -2.65
C GLY C 190 1.84 12.34 -2.54
N GLY C 191 2.21 13.61 -2.47
CA GLY C 191 3.62 13.94 -2.33
C GLY C 191 4.31 14.66 -3.47
N SER C 192 5.40 15.33 -3.13
CA SER C 192 6.20 16.09 -4.07
C SER C 192 6.73 15.30 -5.25
N PRO C 193 7.22 14.07 -5.01
CA PRO C 193 7.72 13.30 -6.15
C PRO C 193 6.66 13.10 -7.24
N ILE C 194 5.45 12.74 -6.83
CA ILE C 194 4.38 12.52 -7.80
C ILE C 194 3.99 13.82 -8.49
N ALA C 195 3.78 14.88 -7.73
CA ALA C 195 3.40 16.17 -8.30
C ALA C 195 4.42 16.68 -9.31
N ALA C 196 5.70 16.62 -8.94
CA ALA C 196 6.77 17.06 -9.80
C ALA C 196 6.86 16.23 -11.10
N SER C 197 6.73 14.91 -10.98
CA SER C 197 6.79 14.01 -12.15
C SER C 197 5.73 14.36 -13.18
N ILE C 198 4.53 14.70 -12.73
CA ILE C 198 3.45 15.06 -13.63
C ILE C 198 3.83 16.29 -14.44
N VAL C 199 4.40 17.29 -13.79
CA VAL C 199 4.80 18.51 -14.50
C VAL C 199 5.92 18.20 -15.50
N ASN C 200 6.96 17.50 -15.04
CA ASN C 200 8.08 17.13 -15.90
C ASN C 200 7.56 16.35 -17.10
N GLY C 201 6.58 15.48 -16.85
CA GLY C 201 6.00 14.67 -17.91
C GLY C 201 5.52 15.44 -19.12
N PHE C 202 5.12 16.70 -18.93
CA PHE C 202 4.64 17.52 -20.03
C PHE C 202 5.75 18.04 -20.93
N GLY C 203 6.99 18.02 -20.43
CA GLY C 203 8.10 18.52 -21.22
C GLY C 203 8.19 17.90 -22.60
N ARG C 204 7.92 16.60 -22.65
CA ARG C 204 7.95 15.83 -23.87
C ARG C 204 6.98 16.33 -24.94
N PHE C 205 5.99 17.11 -24.54
CA PHE C 205 5.00 17.60 -25.50
C PHE C 205 5.07 19.08 -25.83
N LEU C 206 6.05 19.78 -25.27
CA LEU C 206 6.17 21.22 -25.51
C LEU C 206 6.92 21.59 -26.79
N ARG D 16 -4.58 0.90 21.34
CA ARG D 16 -3.89 -0.10 20.47
C ARG D 16 -4.00 0.31 19.00
N SER D 17 -3.61 -0.59 18.11
CA SER D 17 -3.64 -0.33 16.68
C SER D 17 -5.03 0.11 16.25
N LEU D 18 -5.99 -0.83 16.30
CA LEU D 18 -7.36 -0.56 15.89
C LEU D 18 -7.98 0.66 16.58
N ALA D 19 -7.54 0.95 17.79
CA ALA D 19 -8.06 2.10 18.53
C ALA D 19 -7.59 3.38 17.83
N ALA D 20 -6.51 3.26 17.09
CA ALA D 20 -5.96 4.40 16.36
C ALA D 20 -6.67 4.59 15.02
N ILE D 21 -6.88 3.51 14.28
CA ILE D 21 -7.55 3.58 12.99
C ILE D 21 -8.82 4.41 13.14
N ASP D 22 -9.60 4.04 14.16
CA ASP D 22 -10.87 4.69 14.45
C ASP D 22 -10.86 6.21 14.48
N SER D 23 -9.67 6.82 14.48
CA SER D 23 -9.58 8.27 14.50
C SER D 23 -8.98 8.82 13.20
N ILE D 25 -10.23 7.95 10.26
CA ILE D 25 -11.28 7.69 9.29
C ILE D 25 -12.13 8.93 9.06
N ASP D 26 -12.58 9.11 7.82
CA ASP D 26 -13.40 10.25 7.43
C ASP D 26 -14.38 10.62 8.54
N PRO D 27 -14.16 11.76 9.20
CA PRO D 27 -15.04 12.20 10.28
C PRO D 27 -16.51 12.23 9.85
N ASP D 28 -16.76 12.33 8.54
CA ASP D 28 -18.12 12.34 8.03
C ASP D 28 -18.76 10.96 8.17
N ILE D 29 -17.96 9.91 8.00
CA ILE D 29 -18.49 8.56 8.15
C ILE D 29 -18.98 8.48 9.59
N SER D 30 -20.30 8.51 9.75
CA SER D 30 -20.88 8.47 11.08
C SER D 30 -21.33 7.12 11.62
N GLY D 31 -21.26 7.01 12.95
CA GLY D 31 -21.67 5.85 13.69
C GLY D 31 -21.32 4.44 13.23
N PRO D 32 -22.36 3.62 13.00
CA PRO D 32 -22.27 2.22 12.56
C PRO D 32 -21.28 1.96 11.44
N ARG D 34 -18.74 3.57 10.51
CA ARG D 34 -17.36 3.74 10.92
C ARG D 34 -16.88 2.40 11.46
N HIS D 35 -17.77 1.70 12.17
CA HIS D 35 -17.41 0.40 12.71
C HIS D 35 -17.17 -0.59 11.57
N ILE D 36 -18.03 -0.53 10.56
CA ILE D 36 -17.89 -1.42 9.42
C ILE D 36 -16.59 -1.11 8.69
N VAL D 37 -16.24 0.16 8.59
CA VAL D 37 -15.00 0.56 7.93
C VAL D 37 -13.78 0.07 8.70
N VAL D 38 -13.84 0.17 10.02
CA VAL D 38 -12.71 -0.27 10.85
C VAL D 38 -12.49 -1.76 10.64
N LYS D 39 -13.57 -2.53 10.66
CA LYS D 39 -13.50 -3.97 10.45
C LYS D 39 -12.84 -4.25 9.10
N ALA D 40 -13.28 -3.53 8.07
CA ALA D 40 -12.71 -3.73 6.75
C ALA D 40 -11.22 -3.42 6.73
N ILE D 41 -10.82 -2.34 7.40
CA ILE D 41 -9.42 -1.95 7.45
C ILE D 41 -8.56 -3.01 8.12
N HIS D 42 -9.08 -3.57 9.20
CA HIS D 42 -8.39 -4.60 9.94
C HIS D 42 -8.24 -5.88 9.10
N ALA D 43 -9.34 -6.33 8.50
CA ALA D 43 -9.32 -7.53 7.68
C ALA D 43 -8.27 -7.41 6.58
N ALA D 44 -8.11 -6.21 6.06
CA ALA D 44 -7.15 -5.96 4.99
C ALA D 44 -5.75 -5.62 5.51
N GLY D 45 -5.65 -5.25 6.78
CA GLY D 45 -4.36 -4.87 7.33
C GLY D 45 -3.77 -3.77 6.46
N ASP D 46 -4.61 -2.80 6.10
CA ASP D 46 -4.17 -1.72 5.24
C ASP D 46 -5.07 -0.50 5.42
N PHE D 47 -4.54 0.56 6.03
CA PHE D 47 -5.32 1.78 6.24
C PHE D 47 -5.66 2.41 4.91
N ALA D 48 -4.79 2.21 3.93
CA ALA D 48 -4.97 2.77 2.61
C ALA D 48 -6.42 2.74 2.14
N ILE D 49 -7.10 1.62 2.37
CA ILE D 49 -8.48 1.51 1.91
C ILE D 49 -9.49 2.35 2.67
N ALA D 50 -9.11 2.94 3.79
CA ALA D 50 -10.04 3.76 4.56
C ALA D 50 -10.63 4.87 3.70
N PRO D 51 -9.77 5.73 3.10
CA PRO D 51 -10.33 6.80 2.28
C PRO D 51 -10.83 6.29 0.92
N LEU D 52 -10.63 5.01 0.64
CA LEU D 52 -11.04 4.43 -0.64
C LEU D 52 -12.35 3.64 -0.62
N ILE D 53 -12.95 3.51 0.56
CA ILE D 53 -14.22 2.80 0.67
C ILE D 53 -15.33 3.70 0.17
N ARG D 54 -16.24 3.13 -0.62
CA ARG D 54 -17.37 3.88 -1.17
C ARG D 54 -18.64 3.11 -0.92
N TYR D 55 -19.72 3.82 -0.63
CA TYR D 55 -21.00 3.19 -0.41
C TYR D 55 -22.16 4.13 -0.67
N SER D 56 -23.31 3.55 -0.99
CA SER D 56 -24.50 4.33 -1.28
C SER D 56 -25.15 4.78 0.03
N ASP D 57 -25.78 5.95 -0.01
CA ASP D 57 -26.43 6.51 1.17
C ASP D 57 -27.35 5.55 1.92
N GLY D 58 -28.03 4.66 1.19
CA GLY D 58 -28.93 3.73 1.86
C GLY D 58 -28.38 2.34 2.10
N PHE D 59 -27.09 2.16 1.85
CA PHE D 59 -26.49 0.85 2.05
C PHE D 59 -26.68 0.31 3.46
N PHE D 60 -26.26 1.08 4.46
CA PHE D 60 -26.39 0.61 5.83
C PHE D 60 -27.82 0.19 6.19
N LYS D 61 -28.78 1.03 5.84
CA LYS D 61 -30.18 0.74 6.13
C LYS D 61 -30.64 -0.52 5.40
N SER D 62 -30.42 -0.54 4.09
CA SER D 62 -30.79 -1.68 3.26
C SER D 62 -30.22 -2.97 3.84
N LEU D 64 -28.87 -3.53 6.93
CA LEU D 64 -29.36 -3.80 8.28
C LEU D 64 -30.76 -4.41 8.29
N ALA D 65 -31.63 -3.91 7.41
CA ALA D 65 -32.98 -4.42 7.31
C ALA D 65 -32.96 -5.92 7.00
N LYS D 66 -32.29 -6.27 5.91
CA LYS D 66 -32.18 -7.66 5.49
C LYS D 66 -31.67 -8.58 6.58
N LEU D 67 -30.52 -8.24 7.14
CA LEU D 67 -29.92 -9.06 8.18
C LEU D 67 -30.78 -9.15 9.43
N LYS D 68 -31.52 -8.08 9.71
CA LYS D 68 -32.40 -8.04 10.88
C LYS D 68 -33.57 -8.98 10.70
N GLU D 69 -34.28 -8.83 9.58
CA GLU D 69 -35.42 -9.67 9.29
C GLU D 69 -35.03 -11.13 9.11
N GLY D 70 -33.84 -11.34 8.52
CA GLY D 70 -33.37 -12.69 8.28
C GLY D 70 -33.48 -12.97 6.79
N CYS D 71 -32.36 -13.25 6.14
CA CYS D 71 -32.37 -13.51 4.70
C CYS D 71 -31.31 -14.53 4.32
N THR D 72 -31.10 -14.69 3.03
CA THR D 72 -30.08 -15.59 2.53
C THR D 72 -28.91 -14.72 2.06
N ILE D 73 -27.71 -15.02 2.53
CA ILE D 73 -26.55 -14.23 2.14
C ILE D 73 -25.82 -15.02 1.05
N ILE D 74 -25.90 -14.52 -0.18
CA ILE D 74 -25.28 -15.18 -1.32
C ILE D 74 -23.83 -14.75 -1.56
N CYS D 75 -22.90 -15.68 -1.42
CA CYS D 75 -21.48 -15.42 -1.61
C CYS D 75 -20.97 -15.96 -2.95
N ASP D 76 -19.97 -15.28 -3.52
CA ASP D 76 -19.40 -15.73 -4.79
C ASP D 76 -18.35 -16.82 -4.59
N SER D 77 -17.84 -16.98 -3.38
CA SER D 77 -16.84 -18.02 -3.14
C SER D 77 -16.95 -18.67 -1.77
N GLU D 78 -16.35 -19.85 -1.64
CA GLU D 78 -16.36 -20.58 -0.38
C GLU D 78 -15.62 -19.84 0.71
N VAL D 80 -15.46 -16.70 1.14
CA VAL D 80 -16.33 -15.65 1.67
C VAL D 80 -17.36 -16.30 2.60
N ARG D 81 -17.99 -17.35 2.11
CA ARG D 81 -18.99 -18.06 2.89
C ARG D 81 -18.39 -18.46 4.24
N ALA D 82 -17.23 -19.10 4.19
CA ALA D 82 -16.56 -19.55 5.39
C ALA D 82 -16.10 -18.40 6.27
N GLY D 83 -16.00 -17.19 5.71
CA GLY D 83 -15.53 -16.06 6.49
C GLY D 83 -16.58 -15.36 7.33
N ILE D 84 -17.84 -15.63 7.06
CA ILE D 84 -18.93 -15.01 7.81
C ILE D 84 -19.28 -15.93 8.98
N TYR D 85 -18.88 -15.52 10.18
CA TYR D 85 -19.10 -16.30 11.38
C TYR D 85 -19.80 -15.56 12.52
N SER D 86 -20.05 -14.27 12.33
CA SER D 86 -20.73 -13.49 13.37
C SER D 86 -21.97 -14.22 13.87
N ARG D 87 -21.95 -14.64 15.13
CA ARG D 87 -23.07 -15.34 15.74
C ARG D 87 -24.40 -14.61 15.51
N PRO D 88 -24.45 -13.30 15.83
CA PRO D 88 -25.69 -12.57 15.63
C PRO D 88 -26.20 -12.62 14.19
N VAL D 89 -25.28 -12.67 13.23
CA VAL D 89 -25.66 -12.74 11.81
C VAL D 89 -26.22 -14.12 11.48
N LEU D 90 -25.45 -15.16 11.81
CA LEU D 90 -25.86 -16.53 11.53
C LEU D 90 -27.11 -16.94 12.31
N GLU D 91 -27.55 -16.07 13.21
CA GLU D 91 -28.72 -16.37 14.02
C GLU D 91 -29.94 -16.50 13.14
N ARG D 92 -30.20 -15.46 12.34
CA ARG D 92 -31.38 -15.43 11.48
C ARG D 92 -31.09 -15.40 9.99
N ASN D 93 -29.83 -15.57 9.62
CA ASN D 93 -29.45 -15.55 8.22
C ASN D 93 -28.71 -16.81 7.82
N ARG D 94 -28.87 -17.20 6.56
CA ARG D 94 -28.21 -18.38 6.06
C ARG D 94 -27.21 -17.96 4.98
N VAL D 95 -25.98 -18.44 5.10
CA VAL D 95 -24.93 -18.11 4.15
C VAL D 95 -24.79 -19.26 3.16
N VAL D 96 -24.77 -18.94 1.87
CA VAL D 96 -24.66 -19.96 0.85
C VAL D 96 -23.67 -19.60 -0.27
N CYS D 97 -23.18 -20.63 -0.94
CA CYS D 97 -22.27 -20.49 -2.06
C CYS D 97 -22.70 -21.56 -3.06
N TYR D 98 -23.00 -21.18 -4.29
CA TYR D 98 -23.46 -22.14 -5.29
C TYR D 98 -22.42 -22.53 -6.34
N LEU D 99 -21.16 -22.36 -6.01
CA LEU D 99 -20.08 -22.67 -6.94
C LEU D 99 -20.08 -24.12 -7.39
N ASN D 100 -20.40 -25.03 -6.48
CA ASN D 100 -20.42 -26.45 -6.83
C ASN D 100 -21.80 -27.01 -7.15
N ASP D 101 -22.79 -26.14 -7.33
CA ASP D 101 -24.14 -26.60 -7.63
C ASP D 101 -24.20 -27.25 -9.02
N VAL D 102 -24.90 -28.37 -9.12
CA VAL D 102 -25.03 -29.07 -10.38
C VAL D 102 -25.53 -28.14 -11.49
N ARG D 103 -26.53 -27.34 -11.17
CA ARG D 103 -27.11 -26.42 -12.15
C ARG D 103 -26.18 -25.27 -12.51
N SER D 104 -25.23 -24.99 -11.64
CA SER D 104 -24.28 -23.91 -11.90
C SER D 104 -23.31 -24.28 -13.00
N LYS D 105 -22.64 -25.42 -12.85
CA LYS D 105 -21.68 -25.85 -13.85
C LYS D 105 -22.38 -26.05 -15.18
N GLU D 106 -23.60 -26.57 -15.14
CA GLU D 106 -24.38 -26.82 -16.34
C GLU D 106 -24.60 -25.51 -17.10
N ALA D 108 -23.00 -22.71 -16.62
CA ALA D 108 -21.72 -22.06 -16.89
C ALA D 108 -21.26 -22.48 -18.28
N ASP D 109 -21.15 -23.78 -18.50
CA ASP D 109 -20.72 -24.31 -19.80
C ASP D 109 -21.65 -23.85 -20.91
N VAL D 110 -22.95 -24.07 -20.71
CA VAL D 110 -23.96 -23.68 -21.70
C VAL D 110 -23.91 -22.22 -22.12
N ASN D 111 -24.24 -21.31 -21.19
CA ASN D 111 -24.28 -19.88 -21.49
C ASN D 111 -22.96 -19.15 -21.67
N GLY D 112 -21.84 -19.83 -21.49
CA GLY D 112 -20.56 -19.18 -21.64
C GLY D 112 -20.21 -18.14 -20.58
N ILE D 113 -20.72 -18.32 -19.36
CA ILE D 113 -20.42 -17.42 -18.25
C ILE D 113 -19.63 -18.20 -17.21
N THR D 114 -18.80 -17.50 -16.45
CA THR D 114 -17.98 -18.16 -15.43
C THR D 114 -18.84 -18.95 -14.44
N ARG D 115 -18.23 -19.94 -13.79
CA ARG D 115 -18.96 -20.75 -12.83
C ARG D 115 -19.40 -19.87 -11.66
N SER D 116 -18.60 -18.84 -11.34
CA SER D 116 -18.93 -17.92 -10.26
C SER D 116 -20.19 -17.17 -10.61
N ALA D 117 -20.22 -16.61 -11.82
CA ALA D 117 -21.38 -15.86 -12.29
C ALA D 117 -22.61 -16.73 -12.31
N ALA D 118 -22.44 -17.98 -12.76
CA ALA D 118 -23.55 -18.91 -12.85
C ALA D 118 -24.06 -19.25 -11.45
N GLY D 119 -23.13 -19.37 -10.50
CA GLY D 119 -23.52 -19.68 -9.14
C GLY D 119 -24.39 -18.58 -8.59
N ILE D 120 -24.01 -17.33 -8.84
CA ILE D 120 -24.77 -16.18 -8.40
C ILE D 120 -26.20 -16.21 -8.98
N ARG D 121 -26.31 -16.53 -10.26
CA ARG D 121 -27.63 -16.57 -10.89
C ARG D 121 -28.52 -17.65 -10.30
N ILE D 122 -28.00 -18.86 -10.17
CA ILE D 122 -28.80 -19.94 -9.62
C ILE D 122 -29.18 -19.65 -8.16
N ALA D 123 -28.24 -19.09 -7.40
CA ALA D 123 -28.49 -18.78 -6.00
C ALA D 123 -29.60 -17.74 -5.85
N GLN D 125 -31.99 -17.11 -7.93
CA GLN D 125 -33.27 -17.63 -8.39
C GLN D 125 -33.83 -18.52 -7.29
N ASP D 126 -32.93 -19.17 -6.54
CA ASP D 126 -33.34 -20.05 -5.46
C ASP D 126 -33.78 -19.24 -4.24
N HIS D 127 -33.13 -18.12 -4.00
CA HIS D 127 -33.46 -17.30 -2.85
C HIS D 127 -33.67 -15.86 -3.29
N ARG D 128 -34.92 -15.41 -3.32
CA ARG D 128 -35.19 -14.05 -3.74
C ARG D 128 -34.84 -13.03 -2.66
N ASN D 129 -35.07 -13.37 -1.41
CA ASN D 129 -34.76 -12.45 -0.31
C ASN D 129 -33.30 -12.64 0.06
N SER D 130 -32.42 -11.88 -0.58
CA SER D 130 -31.00 -12.05 -0.34
C SER D 130 -30.16 -10.80 -0.24
N VAL D 131 -28.90 -11.03 0.09
CA VAL D 131 -27.87 -10.01 0.18
C VAL D 131 -26.74 -10.64 -0.67
N ILE D 132 -26.08 -9.85 -1.51
CA ILE D 132 -25.01 -10.38 -2.36
C ILE D 132 -23.64 -9.92 -1.87
N VAL D 133 -22.75 -10.88 -1.61
CA VAL D 133 -21.40 -10.59 -1.14
C VAL D 133 -20.36 -11.12 -2.13
N ILE D 134 -19.66 -10.20 -2.80
CA ILE D 134 -18.64 -10.57 -3.76
C ILE D 134 -17.26 -10.27 -3.19
N GLY D 135 -16.45 -11.31 -3.01
CA GLY D 135 -15.12 -11.10 -2.48
C GLY D 135 -14.05 -11.60 -3.42
N ASN D 136 -14.47 -12.12 -4.58
CA ASN D 136 -13.51 -12.66 -5.53
C ASN D 136 -13.65 -12.28 -7.00
N ALA D 137 -14.62 -12.88 -7.68
CA ALA D 137 -14.80 -12.67 -9.12
C ALA D 137 -15.59 -11.47 -9.62
N PRO D 138 -14.98 -10.65 -10.48
CA PRO D 138 -15.63 -9.47 -11.04
C PRO D 138 -16.86 -9.88 -11.82
N THR D 139 -16.77 -11.06 -12.45
CA THR D 139 -17.89 -11.57 -13.24
C THR D 139 -19.09 -11.87 -12.36
N ALA D 140 -18.84 -12.30 -11.12
CA ALA D 140 -19.91 -12.61 -10.20
C ALA D 140 -20.58 -11.30 -9.79
N LEU D 141 -19.79 -10.23 -9.68
CA LEU D 141 -20.34 -8.93 -9.33
C LEU D 141 -21.23 -8.46 -10.47
N LEU D 142 -20.70 -8.51 -11.69
CA LEU D 142 -21.45 -8.09 -12.86
C LEU D 142 -22.74 -8.87 -12.99
N GLU D 143 -22.70 -10.17 -12.72
CA GLU D 143 -23.91 -10.98 -12.82
C GLU D 143 -24.96 -10.58 -11.78
N ALA D 144 -24.52 -10.27 -10.56
CA ALA D 144 -25.45 -9.85 -9.51
C ALA D 144 -26.13 -8.56 -9.94
N ARG D 146 -26.55 -7.44 -12.91
CA ARG D 146 -27.45 -7.76 -14.01
C ARG D 146 -28.78 -8.26 -13.46
N ILE D 148 -30.18 -8.06 -10.46
CA ILE D 148 -30.93 -7.03 -9.74
C ILE D 148 -31.61 -6.04 -10.67
N GLU D 149 -30.85 -5.49 -11.61
CA GLU D 149 -31.37 -4.52 -12.56
C GLU D 149 -32.50 -5.05 -13.44
N GLU D 150 -32.24 -6.17 -14.12
CA GLU D 150 -33.22 -6.77 -15.01
C GLU D 150 -34.44 -7.39 -14.33
N ASN D 151 -34.45 -7.40 -13.01
CA ASN D 151 -35.56 -7.97 -12.25
C ASN D 151 -36.13 -6.90 -11.33
N GLY D 152 -35.46 -5.76 -11.27
CA GLY D 152 -35.90 -4.67 -10.42
C GLY D 152 -35.90 -5.06 -8.96
N TRP D 153 -34.90 -5.82 -8.54
CA TRP D 153 -34.79 -6.24 -7.15
C TRP D 153 -33.83 -5.32 -6.39
N TYR D 154 -34.19 -4.04 -6.31
CA TYR D 154 -33.36 -3.07 -5.63
C TYR D 154 -33.38 -3.13 -4.11
N ASP D 155 -34.06 -4.13 -3.57
CA ASP D 155 -34.08 -4.29 -2.12
C ASP D 155 -32.78 -5.01 -1.76
N ILE D 156 -32.17 -5.63 -2.76
CA ILE D 156 -30.94 -6.38 -2.59
C ILE D 156 -29.68 -5.52 -2.65
N PRO D 157 -28.96 -5.40 -1.53
CA PRO D 157 -27.72 -4.61 -1.48
C PRO D 157 -26.55 -5.52 -1.86
N ILE D 158 -25.45 -4.91 -2.31
CA ILE D 158 -24.27 -5.67 -2.72
C ILE D 158 -22.98 -5.26 -2.04
N VAL D 159 -22.28 -6.23 -1.47
CA VAL D 159 -20.97 -5.97 -0.88
C VAL D 159 -20.07 -6.40 -2.05
N GLY D 160 -19.66 -5.45 -2.89
CA GLY D 160 -18.84 -5.79 -4.04
C GLY D 160 -17.37 -5.52 -3.86
N ILE D 161 -16.65 -6.52 -3.36
CA ILE D 161 -15.22 -6.39 -3.12
C ILE D 161 -14.41 -7.42 -3.92
N PRO D 162 -14.60 -7.49 -5.25
CA PRO D 162 -13.85 -8.45 -6.06
C PRO D 162 -12.37 -8.10 -6.18
N VAL D 163 -11.57 -9.12 -6.52
CA VAL D 163 -10.13 -8.96 -6.67
C VAL D 163 -9.81 -8.99 -8.17
N GLY D 164 -8.70 -8.38 -8.54
CA GLY D 164 -8.30 -8.33 -9.94
C GLY D 164 -7.79 -6.91 -10.14
N PHE D 165 -7.37 -6.58 -11.35
CA PHE D 165 -6.87 -5.24 -11.57
C PHE D 165 -7.82 -4.39 -12.40
N ILE D 166 -7.57 -4.27 -13.69
CA ILE D 166 -8.45 -3.46 -14.54
C ILE D 166 -9.85 -4.05 -14.62
N ASN D 167 -9.95 -5.37 -14.69
CA ASN D 167 -11.25 -6.03 -14.77
C ASN D 167 -12.07 -5.79 -13.51
N ALA D 168 -11.42 -5.83 -12.36
CA ALA D 168 -12.09 -5.61 -11.09
C ALA D 168 -12.53 -4.15 -10.97
N SER D 169 -11.65 -3.22 -11.36
CA SER D 169 -11.98 -1.81 -11.28
C SER D 169 -13.15 -1.47 -12.19
N LYS D 170 -13.15 -1.97 -13.42
CA LYS D 170 -14.25 -1.70 -14.33
C LYS D 170 -15.57 -2.18 -13.76
N ALA D 171 -15.56 -3.36 -13.16
CA ALA D 171 -16.76 -3.93 -12.57
C ALA D 171 -17.29 -3.09 -11.41
N LYS D 172 -16.39 -2.62 -10.56
CA LYS D 172 -16.81 -1.81 -9.41
C LYS D 172 -17.18 -0.39 -9.83
N GLU D 173 -16.72 0.04 -10.99
CA GLU D 173 -17.03 1.37 -11.49
C GLU D 173 -18.52 1.42 -11.84
N GLY D 174 -19.02 0.31 -12.35
CA GLY D 174 -20.42 0.25 -12.71
C GLY D 174 -21.29 0.26 -11.47
N LEU D 175 -20.82 -0.43 -10.43
CA LEU D 175 -21.56 -0.51 -9.18
C LEU D 175 -21.84 0.90 -8.68
N VAL D 176 -20.77 1.65 -8.47
CA VAL D 176 -20.85 3.02 -7.97
C VAL D 176 -21.56 3.98 -8.92
N SER D 177 -22.35 3.43 -9.84
CA SER D 177 -23.08 4.23 -10.82
C SER D 177 -24.54 3.81 -10.94
N SER D 178 -24.82 2.56 -10.57
CA SER D 178 -26.16 2.01 -10.65
C SER D 178 -27.13 2.55 -9.59
N HIS D 179 -28.32 1.96 -9.57
CA HIS D 179 -29.38 2.33 -8.65
C HIS D 179 -29.38 1.30 -7.52
N ILE D 180 -28.29 0.52 -7.46
CA ILE D 180 -28.13 -0.53 -6.46
C ILE D 180 -27.47 -0.03 -5.18
N GLU D 181 -27.97 -0.46 -4.02
CA GLU D 181 -27.37 -0.09 -2.75
C GLU D 181 -26.12 -0.96 -2.67
N TYR D 182 -25.01 -0.39 -2.21
CA TYR D 182 -23.79 -1.17 -2.15
C TYR D 182 -22.71 -0.56 -1.27
N ILE D 183 -21.60 -1.29 -1.23
CA ILE D 183 -20.39 -0.87 -0.54
C ILE D 183 -19.32 -1.53 -1.38
N SER D 184 -18.24 -0.81 -1.63
CA SER D 184 -17.16 -1.34 -2.44
C SER D 184 -15.89 -0.62 -2.03
N VAL D 185 -14.80 -0.88 -2.74
CA VAL D 185 -13.53 -0.22 -2.46
C VAL D 185 -12.93 0.27 -3.77
N GLU D 186 -12.56 1.55 -3.79
CA GLU D 186 -11.94 2.13 -4.98
C GLU D 186 -10.53 1.59 -5.09
N GLY D 187 -10.14 1.22 -6.30
CA GLY D 187 -8.80 0.70 -6.49
C GLY D 187 -8.73 -0.77 -6.81
N HIS D 188 -7.57 -1.35 -6.58
CA HIS D 188 -7.36 -2.75 -6.88
C HIS D 188 -7.56 -3.66 -5.67
N ARG D 189 -7.58 -3.06 -4.48
CA ARG D 189 -7.79 -3.84 -3.26
C ARG D 189 -9.15 -4.49 -3.26
N GLY D 190 -9.23 -5.69 -2.70
CA GLY D 190 -10.47 -6.43 -2.63
C GLY D 190 -10.18 -7.77 -1.96
N GLY D 191 -11.11 -8.71 -2.02
CA GLY D 191 -10.84 -10.00 -1.41
C GLY D 191 -11.86 -10.46 -0.39
N SER D 192 -11.86 -11.77 -0.14
CA SER D 192 -12.76 -12.39 0.80
C SER D 192 -12.66 -11.88 2.24
N PRO D 193 -11.44 -11.69 2.75
CA PRO D 193 -11.34 -11.20 4.12
C PRO D 193 -12.09 -9.88 4.28
N ILE D 194 -11.92 -8.97 3.34
CA ILE D 194 -12.61 -7.69 3.43
C ILE D 194 -14.13 -7.85 3.29
N ALA D 195 -14.56 -8.60 2.26
CA ALA D 195 -15.98 -8.82 2.02
C ALA D 195 -16.68 -9.44 3.24
N ALA D 196 -16.08 -10.49 3.79
CA ALA D 196 -16.65 -11.18 4.93
C ALA D 196 -16.67 -10.32 6.20
N SER D 197 -15.64 -9.51 6.40
CA SER D 197 -15.57 -8.67 7.59
C SER D 197 -16.68 -7.61 7.59
N ILE D 198 -17.03 -7.12 6.42
CA ILE D 198 -18.10 -6.13 6.34
C ILE D 198 -19.40 -6.74 6.83
N VAL D 199 -19.69 -7.97 6.42
CA VAL D 199 -20.91 -8.64 6.84
C VAL D 199 -20.87 -8.90 8.35
N ASN D 200 -19.77 -9.46 8.82
CA ASN D 200 -19.60 -9.74 10.25
C ASN D 200 -19.76 -8.48 11.08
N GLY D 201 -19.32 -7.35 10.52
CA GLY D 201 -19.42 -6.08 11.22
C GLY D 201 -20.84 -5.71 11.61
N PHE D 202 -21.82 -6.19 10.86
CA PHE D 202 -23.22 -5.88 11.15
C PHE D 202 -23.77 -6.61 12.37
N GLY D 203 -23.10 -7.68 12.77
CA GLY D 203 -23.55 -8.43 13.93
C GLY D 203 -23.84 -7.57 15.14
N ARG D 204 -23.02 -6.55 15.36
CA ARG D 204 -23.19 -5.67 16.51
C ARG D 204 -24.45 -4.81 16.49
N PHE D 205 -25.14 -4.76 15.35
CA PHE D 205 -26.37 -3.96 15.27
C PHE D 205 -27.60 -4.81 15.03
N LEU D 206 -27.52 -6.10 15.38
CA LEU D 206 -28.63 -7.01 15.17
C LEU D 206 -29.34 -7.43 16.46
#